data_7PHY
#
_entry.id   7PHY
#
_cell.length_a   77.167
_cell.length_b   90.925
_cell.length_c   147.205
_cell.angle_alpha   90.000
_cell.angle_beta   90.000
_cell.angle_gamma   90.000
#
_symmetry.space_group_name_H-M   'P 21 21 21'
#
loop_
_entity.id
_entity.type
_entity.pdbx_description
1 polymer 'Protein E2'
2 non-polymer GLYCEROL
3 water water
#
_entity_poly.entity_id   1
_entity_poly.type   'polypeptide(L)'
_entity_poly.pdbx_seq_one_letter_code
;(AME)ISVTDIRRAFLDNECHTITKAFGYLHEDKAIALIKIGFHPTYLPKVLYNNVVEFVPEKLYLFKPRTVAPLDLIST
ITKLKNVDKFASHINYHKNSILITGDKSLIVKCMPYMIISDDDIRFIREQFVGTNSIEYILSFINKESIYRMSYQFSENE
IVTIINRDHFMYEPIYEHQVLDSDFLKTMLDRYGIVPINSGIIDELCPEAIIEILMAVVRPRDAIRFLDIVNKNQLTEDS
VKNYIINDIRRGKIDYYIPYVEDFLEDRTEDLGIYANIFFEDAIDITKLDITKTELEHISKYMNYYTTYIDHIVNIILQN
NYIDILASIIDYVQDVLTEELCIRIVCESTNPVPVTSLPIHSTLVMVMCIQMKYVDIVEFLDEIDIDTLIEKGADPITEY
TFTTRWYNKHNDLITLYIKKYGFCPMMMKRLMFEYPLTKEASDHLLKTMDENRGAIMFFPRTICTLPYLLCCNYKLIQKP
IPFKEENRNIVYKKNNRVLCFDSLENSAFKSLIKIDSIPGLKTYNMKDITYEKSNNIICVRFIPQESIHNEERRIKLQLF
DIARLASYGLYYIPSRYLSSWTPVVNMIEGREYTNPQKIECLVILDLFSEEFIEYQNLGNAVSNKYELEYTISNYQAAIN
CLMSTLLIYLVLGSIRSISRTENFVLSILNIFYKGLKINELLSEPVSGVCIELNKIKDRASSGDSSFIFLKKNELSKTLS
LCEKVCVETILDNNQSFKSSKAAAHHHHHHHHHH
;
_entity_poly.pdbx_strand_id   A
#
loop_
_chem_comp.id
_chem_comp.type
_chem_comp.name
_chem_comp.formula
GOL non-polymer GLYCEROL 'C3 H8 O3'
#
# COMPACT_ATOMS: atom_id res chain seq x y z
CT2 AME A 1 12.45 17.31 17.67
CT1 AME A 1 13.07 15.93 17.79
OT AME A 1 12.44 14.92 17.57
CB AME A 1 16.48 14.66 18.50
CG AME A 1 17.13 13.28 18.42
SD AME A 1 17.61 12.88 16.75
CE AME A 1 18.50 14.25 16.08
C AME A 1 14.32 13.73 19.38
O AME A 1 14.14 14.20 20.53
N AME A 1 14.42 15.82 18.17
CA AME A 1 14.98 14.53 18.28
N ILE A 2 13.94 12.51 19.03
CA ILE A 2 13.54 11.47 19.96
C ILE A 2 14.59 11.35 21.06
N SER A 3 14.12 11.17 22.30
CA SER A 3 15.03 11.04 23.44
C SER A 3 15.59 9.63 23.55
N VAL A 4 16.87 9.51 23.90
CA VAL A 4 17.51 8.21 23.98
C VAL A 4 18.36 8.10 25.24
N THR A 5 18.16 9.04 26.17
CA THR A 5 18.92 9.05 27.40
C THR A 5 18.88 7.69 28.08
N ASP A 6 17.67 7.20 28.37
CA ASP A 6 17.52 5.99 29.18
C ASP A 6 18.04 4.76 28.45
N ILE A 7 17.68 4.60 27.18
CA ILE A 7 18.11 3.40 26.48
C ILE A 7 19.61 3.44 26.19
N ARG A 8 20.20 4.64 26.05
CA ARG A 8 21.64 4.71 25.88
C ARG A 8 22.37 4.43 27.20
N ARG A 9 21.82 4.93 28.31
CA ARG A 9 22.35 4.55 29.62
C ARG A 9 22.38 3.03 29.76
N ALA A 10 21.27 2.38 29.40
CA ALA A 10 21.20 0.92 29.47
C ALA A 10 22.22 0.27 28.55
N PHE A 11 22.39 0.83 27.35
CA PHE A 11 23.31 0.27 26.36
C PHE A 11 24.76 0.33 26.83
N LEU A 12 25.16 1.43 27.44
CA LEU A 12 26.55 1.59 27.86
C LEU A 12 26.82 0.88 29.18
N ASP A 13 26.03 1.20 30.23
CA ASP A 13 26.25 0.65 31.57
C ASP A 13 26.06 -0.86 31.65
N ASN A 14 25.52 -1.52 30.62
CA ASN A 14 25.49 -2.97 30.59
C ASN A 14 26.27 -3.56 29.43
N GLU A 15 26.97 -2.72 28.66
CA GLU A 15 27.90 -3.18 27.62
C GLU A 15 27.18 -4.08 26.62
N CYS A 16 25.96 -3.71 26.26
CA CYS A 16 25.18 -4.49 25.30
C CYS A 16 25.82 -4.40 23.92
N HIS A 17 25.47 -5.37 23.08
CA HIS A 17 25.89 -5.40 21.67
C HIS A 17 24.83 -4.90 20.72
N THR A 18 23.57 -4.85 21.16
CA THR A 18 22.46 -4.38 20.34
C THR A 18 21.55 -3.51 21.19
N ILE A 19 20.81 -2.62 20.52
CA ILE A 19 19.84 -1.80 21.23
C ILE A 19 18.64 -2.65 21.70
N THR A 20 18.33 -3.75 21.00
CA THR A 20 17.35 -4.73 21.48
C THR A 20 17.69 -5.19 22.89
N LYS A 21 18.94 -5.64 23.09
CA LYS A 21 19.35 -6.09 24.43
C LYS A 21 19.25 -4.96 25.44
N ALA A 22 19.61 -3.74 25.04
CA ALA A 22 19.56 -2.62 25.96
C ALA A 22 18.12 -2.31 26.39
N PHE A 23 17.17 -2.52 25.48
CA PHE A 23 15.77 -2.26 25.83
C PHE A 23 15.36 -3.07 27.05
N GLY A 24 15.83 -4.32 27.14
CA GLY A 24 15.52 -5.18 28.27
C GLY A 24 16.06 -4.72 29.61
N TYR A 25 17.08 -3.85 29.61
CA TYR A 25 17.64 -3.35 30.86
C TYR A 25 17.04 -2.03 31.29
N LEU A 26 15.97 -1.57 30.63
CA LEU A 26 15.22 -0.41 31.06
C LEU A 26 14.35 -0.74 32.26
N HIS A 27 14.01 0.29 33.03
CA HIS A 27 13.07 0.12 34.12
C HIS A 27 11.76 -0.43 33.56
N GLU A 28 11.19 -1.41 34.26
CA GLU A 28 9.98 -2.08 33.79
C GLU A 28 8.88 -1.08 33.45
N ASP A 29 8.84 0.06 34.15
CA ASP A 29 7.78 1.05 33.94
C ASP A 29 7.97 1.76 32.62
N LYS A 30 9.21 2.13 32.31
CA LYS A 30 9.50 2.76 31.02
C LYS A 30 9.32 1.77 29.86
N ALA A 31 9.83 0.54 30.01
CA ALA A 31 9.64 -0.49 28.99
C ALA A 31 8.16 -0.71 28.67
N ILE A 32 7.33 -0.82 29.69
CA ILE A 32 5.91 -1.08 29.44
C ILE A 32 5.26 0.10 28.73
N ALA A 33 5.57 1.32 29.17
CA ALA A 33 5.10 2.52 28.46
C ALA A 33 5.51 2.51 26.99
N LEU A 34 6.77 2.18 26.71
CA LEU A 34 7.21 2.13 25.32
C LEU A 34 6.51 1.01 24.54
N ILE A 35 6.32 -0.14 25.19
CA ILE A 35 5.70 -1.28 24.52
C ILE A 35 4.27 -0.94 24.12
N LYS A 36 3.57 -0.17 24.94
CA LYS A 36 2.18 0.16 24.68
C LYS A 36 2.02 0.97 23.39
N ILE A 37 3.01 1.81 23.06
CA ILE A 37 2.88 2.68 21.89
C ILE A 37 3.62 2.09 20.70
N GLY A 38 4.06 0.83 20.80
CA GLY A 38 4.71 0.12 19.72
C GLY A 38 6.19 0.38 19.57
N PHE A 39 6.83 1.11 20.49
CA PHE A 39 8.26 1.37 20.38
C PHE A 39 9.01 0.31 21.17
N HIS A 40 9.26 -0.83 20.54
CA HIS A 40 9.86 -1.96 21.24
C HIS A 40 10.67 -2.79 20.26
N PRO A 41 11.61 -3.63 20.77
CA PRO A 41 12.25 -4.63 19.89
C PRO A 41 11.26 -5.66 19.35
N THR A 42 11.74 -6.56 18.49
CA THR A 42 10.95 -7.66 17.93
C THR A 42 10.74 -8.79 18.92
N TYR A 43 11.46 -8.80 20.04
CA TYR A 43 11.24 -9.77 21.09
C TYR A 43 11.58 -9.12 22.43
N LEU A 44 11.05 -9.70 23.51
CA LEU A 44 11.30 -9.18 24.85
C LEU A 44 11.90 -10.25 25.76
N PRO A 45 12.74 -9.84 26.71
CA PRO A 45 13.29 -10.83 27.66
C PRO A 45 12.24 -11.30 28.65
N LYS A 46 12.50 -12.44 29.26
CA LYS A 46 11.46 -13.14 30.01
C LYS A 46 11.05 -12.36 31.25
N VAL A 47 11.95 -11.52 31.77
CA VAL A 47 11.69 -10.71 32.95
CA VAL A 47 11.69 -10.70 32.96
C VAL A 47 10.45 -9.83 32.77
N LEU A 48 10.14 -9.44 31.54
CA LEU A 48 8.99 -8.59 31.29
C LEU A 48 7.69 -9.36 31.04
N TYR A 49 7.69 -10.69 31.14
CA TYR A 49 6.52 -11.45 30.72
C TYR A 49 5.30 -11.13 31.57
N ASN A 50 5.47 -11.07 32.89
CA ASN A 50 4.31 -10.82 33.75
C ASN A 50 3.75 -9.40 33.54
N ASN A 51 4.63 -8.40 33.36
CA ASN A 51 4.16 -7.03 33.14
C ASN A 51 3.34 -6.92 31.85
N VAL A 52 3.76 -7.63 30.81
CA VAL A 52 3.05 -7.56 29.54
C VAL A 52 1.69 -8.22 29.67
N VAL A 53 1.62 -9.40 30.30
CA VAL A 53 0.35 -10.10 30.47
C VAL A 53 -0.66 -9.22 31.18
N GLU A 54 -0.21 -8.52 32.21
CA GLU A 54 -1.13 -7.69 33.00
C GLU A 54 -1.47 -6.38 32.31
N PHE A 55 -0.46 -5.64 31.84
CA PHE A 55 -0.64 -4.26 31.44
C PHE A 55 -0.80 -4.05 29.95
N VAL A 56 -0.36 -4.98 29.10
CA VAL A 56 -0.53 -4.79 27.67
C VAL A 56 -0.57 -6.17 27.00
N PRO A 57 -1.67 -6.91 27.15
CA PRO A 57 -1.68 -8.31 26.69
C PRO A 57 -1.60 -8.45 25.18
N GLU A 58 -2.11 -7.47 24.42
CA GLU A 58 -2.06 -7.55 22.97
C GLU A 58 -0.63 -7.62 22.44
N LYS A 59 0.38 -7.41 23.29
CA LYS A 59 1.77 -7.46 22.89
C LYS A 59 2.47 -8.74 23.34
N LEU A 60 1.72 -9.75 23.77
CA LEU A 60 2.32 -11.01 24.17
C LEU A 60 3.08 -11.70 23.05
N TYR A 61 2.79 -11.38 21.79
CA TYR A 61 3.49 -12.03 20.67
C TYR A 61 4.97 -11.71 20.64
N LEU A 62 5.42 -10.77 21.46
CA LEU A 62 6.83 -10.41 21.50
C LEU A 62 7.66 -11.41 22.29
N PHE A 63 7.05 -12.48 22.81
CA PHE A 63 7.75 -13.57 23.50
C PHE A 63 7.73 -14.84 22.63
N LYS A 64 8.76 -15.67 22.81
CA LYS A 64 8.81 -16.94 22.08
C LYS A 64 7.54 -17.74 22.34
N PRO A 65 6.95 -18.37 21.33
CA PRO A 65 5.74 -19.18 21.58
C PRO A 65 5.88 -20.15 22.75
N ARG A 66 7.06 -20.76 22.96
CA ARG A 66 7.21 -21.67 24.09
C ARG A 66 7.15 -20.95 25.43
N THR A 67 7.44 -19.64 25.45
CA THR A 67 7.50 -18.87 26.68
C THR A 67 6.10 -18.44 27.13
N VAL A 68 5.17 -18.33 26.21
CA VAL A 68 3.83 -17.84 26.49
C VAL A 68 2.99 -18.98 27.08
N ALA A 69 2.15 -18.65 28.07
CA ALA A 69 1.34 -19.71 28.63
C ALA A 69 0.00 -19.83 27.90
N PRO A 70 -0.42 -21.05 27.62
CA PRO A 70 -1.65 -21.25 26.83
C PRO A 70 -2.85 -20.48 27.35
N LEU A 71 -3.02 -20.40 28.66
CA LEU A 71 -4.13 -19.61 29.19
C LEU A 71 -3.97 -18.13 28.84
N ASP A 72 -2.76 -17.61 29.02
CA ASP A 72 -2.51 -16.20 28.69
C ASP A 72 -2.76 -15.92 27.23
N LEU A 73 -2.34 -16.84 26.36
CA LEU A 73 -2.57 -16.68 24.93
C LEU A 73 -4.05 -16.66 24.60
N ILE A 74 -4.80 -17.61 25.17
CA ILE A 74 -6.21 -17.75 24.82
C ILE A 74 -7.02 -16.58 25.39
N SER A 75 -6.69 -16.12 26.59
CA SER A 75 -7.37 -14.95 27.12
C SER A 75 -7.13 -13.73 26.25
N THR A 76 -5.91 -13.60 25.69
CA THR A 76 -5.60 -12.41 24.88
C THR A 76 -6.34 -12.45 23.56
N ILE A 77 -6.23 -13.55 22.79
CA ILE A 77 -6.74 -13.54 21.42
C ILE A 77 -8.26 -13.64 21.38
N THR A 78 -8.89 -14.03 22.48
CA THR A 78 -10.35 -13.99 22.56
C THR A 78 -10.86 -12.56 22.42
N LYS A 79 -10.09 -11.59 22.92
CA LYS A 79 -10.48 -10.19 22.92
C LYS A 79 -10.15 -9.49 21.60
N LEU A 80 -9.04 -9.87 20.96
CA LEU A 80 -8.58 -9.17 19.78
C LEU A 80 -9.34 -9.60 18.53
N LYS A 81 -9.49 -8.65 17.61
CA LYS A 81 -10.09 -8.97 16.32
C LYS A 81 -9.06 -9.49 15.32
N ASN A 82 -7.91 -8.81 15.22
CA ASN A 82 -6.81 -9.22 14.34
C ASN A 82 -5.76 -9.92 15.20
N VAL A 83 -5.52 -11.20 14.92
CA VAL A 83 -4.53 -11.93 15.69
C VAL A 83 -3.36 -12.38 14.80
N ASP A 84 -3.23 -11.76 13.63
CA ASP A 84 -2.17 -12.11 12.68
C ASP A 84 -0.81 -12.21 13.34
N LYS A 85 -0.55 -11.35 14.33
CA LYS A 85 0.78 -11.32 14.92
C LYS A 85 1.03 -12.48 15.87
N PHE A 86 -0.03 -13.20 16.27
CA PHE A 86 0.08 -14.37 17.14
C PHE A 86 0.14 -15.68 16.37
N ALA A 87 0.40 -15.63 15.06
CA ALA A 87 0.26 -16.80 14.19
C ALA A 87 1.15 -17.93 14.67
N SER A 88 2.42 -17.66 14.93
CA SER A 88 3.33 -18.73 15.33
C SER A 88 3.01 -19.23 16.72
N HIS A 89 2.49 -18.35 17.58
CA HIS A 89 2.00 -18.77 18.88
C HIS A 89 0.77 -19.65 18.74
N ILE A 90 -0.19 -19.20 17.94
CA ILE A 90 -1.42 -19.97 17.76
C ILE A 90 -1.12 -21.36 17.23
N ASN A 91 -0.21 -21.45 16.25
CA ASN A 91 0.17 -22.75 15.70
C ASN A 91 0.84 -23.62 16.75
N TYR A 92 1.80 -23.06 17.49
CA TYR A 92 2.52 -23.80 18.51
C TYR A 92 1.60 -24.36 19.61
N HIS A 93 0.51 -23.66 19.92
CA HIS A 93 -0.42 -24.06 20.98
C HIS A 93 -1.76 -24.54 20.43
N LYS A 94 -1.74 -25.15 19.23
CA LYS A 94 -2.98 -25.56 18.58
C LYS A 94 -3.74 -26.59 19.42
N ASN A 95 -3.01 -27.48 20.09
CA ASN A 95 -3.68 -28.50 20.89
C ASN A 95 -4.43 -27.89 22.07
N SER A 96 -3.80 -26.92 22.75
CA SER A 96 -4.50 -26.24 23.84
C SER A 96 -5.77 -25.58 23.33
N ILE A 97 -5.73 -25.05 22.10
CA ILE A 97 -6.88 -24.31 21.59
C ILE A 97 -7.99 -25.25 21.17
N LEU A 98 -7.64 -26.40 20.59
CA LEU A 98 -8.65 -27.40 20.22
C LEU A 98 -9.35 -27.96 21.45
N ILE A 99 -8.59 -28.25 22.51
CA ILE A 99 -9.16 -28.89 23.69
C ILE A 99 -10.26 -28.05 24.29
N THR A 100 -10.20 -26.72 24.13
CA THR A 100 -11.24 -25.86 24.68
C THR A 100 -12.63 -26.22 24.16
N GLY A 101 -12.72 -26.70 22.92
CA GLY A 101 -14.01 -26.90 22.31
C GLY A 101 -14.72 -25.63 21.92
N ASP A 102 -14.07 -24.47 21.99
CA ASP A 102 -14.76 -23.21 21.75
C ASP A 102 -14.81 -22.93 20.26
N LYS A 103 -16.03 -22.99 19.70
CA LYS A 103 -16.22 -22.83 18.25
C LYS A 103 -15.63 -21.51 17.76
N SER A 104 -16.00 -20.39 18.39
CA SER A 104 -15.49 -19.10 17.95
C SER A 104 -13.98 -19.03 18.07
N LEU A 105 -13.41 -19.62 19.11
CA LEU A 105 -11.96 -19.57 19.31
C LEU A 105 -11.23 -20.38 18.24
N ILE A 106 -11.69 -21.61 18.01
CA ILE A 106 -11.06 -22.48 17.02
C ILE A 106 -11.14 -21.85 15.63
N VAL A 107 -12.30 -21.28 15.31
CA VAL A 107 -12.51 -20.68 14.00
C VAL A 107 -11.62 -19.47 13.80
N LYS A 108 -11.38 -18.71 14.88
CA LYS A 108 -10.48 -17.57 14.77
C LYS A 108 -9.04 -18.03 14.54
N CYS A 109 -8.68 -19.21 15.07
CA CYS A 109 -7.32 -19.71 15.03
C CYS A 109 -7.00 -20.57 13.80
N MET A 110 -8.01 -21.14 13.14
CA MET A 110 -7.76 -22.08 12.03
C MET A 110 -6.82 -21.55 10.96
N PRO A 111 -6.90 -20.28 10.50
CA PRO A 111 -6.01 -19.84 9.42
C PRO A 111 -4.54 -19.86 9.81
N TYR A 112 -4.22 -20.04 11.09
CA TYR A 112 -2.83 -20.06 11.51
C TYR A 112 -2.37 -21.41 12.04
N MET A 113 -3.29 -22.36 12.21
CA MET A 113 -2.94 -23.68 12.71
C MET A 113 -2.69 -24.63 11.53
N ILE A 114 -1.59 -25.36 11.60
CA ILE A 114 -1.33 -26.43 10.65
C ILE A 114 -2.01 -27.68 11.19
N ILE A 115 -3.13 -28.05 10.55
CA ILE A 115 -4.05 -29.06 11.07
C ILE A 115 -3.68 -30.44 10.52
N SER A 116 -3.58 -31.42 11.40
CA SER A 116 -3.19 -32.78 11.05
C SER A 116 -4.42 -33.68 11.02
N ASP A 117 -4.25 -34.84 10.37
CA ASP A 117 -5.33 -35.82 10.31
C ASP A 117 -5.90 -36.11 11.71
N ASP A 118 -5.02 -36.20 12.73
CA ASP A 118 -5.50 -36.37 14.10
C ASP A 118 -6.39 -35.20 14.53
N ASP A 119 -5.97 -33.96 14.23
CA ASP A 119 -6.74 -32.80 14.62
C ASP A 119 -8.14 -32.84 14.00
N ILE A 120 -8.24 -33.32 12.76
CA ILE A 120 -9.54 -33.45 12.11
C ILE A 120 -10.38 -34.51 12.81
N ARG A 121 -9.76 -35.61 13.26
CA ARG A 121 -10.48 -36.59 14.07
C ARG A 121 -11.03 -35.97 15.36
N PHE A 122 -10.28 -35.03 15.96
CA PHE A 122 -10.74 -34.42 17.20
C PHE A 122 -11.92 -33.49 16.96
N ILE A 123 -11.94 -32.81 15.81
CA ILE A 123 -13.03 -31.88 15.50
C ILE A 123 -14.31 -32.65 15.21
N ARG A 124 -14.23 -33.73 14.42
CA ARG A 124 -15.41 -34.52 14.13
C ARG A 124 -15.96 -35.19 15.39
N GLU A 125 -15.08 -35.51 16.35
CA GLU A 125 -15.53 -36.06 17.62
C GLU A 125 -16.26 -35.01 18.44
N GLN A 126 -15.58 -33.90 18.73
CA GLN A 126 -16.10 -32.86 19.61
C GLN A 126 -17.31 -32.13 19.05
N PHE A 127 -17.65 -32.33 17.77
CA PHE A 127 -18.72 -31.53 17.17
C PHE A 127 -19.69 -32.38 16.34
N VAL A 128 -19.78 -33.67 16.63
CA VAL A 128 -20.73 -34.51 15.90
C VAL A 128 -22.15 -34.18 16.35
N GLY A 129 -23.05 -34.04 15.39
CA GLY A 129 -24.43 -33.67 15.65
C GLY A 129 -24.75 -32.20 15.47
N THR A 130 -23.77 -31.37 15.11
CA THR A 130 -23.99 -29.96 14.92
C THR A 130 -23.55 -29.54 13.52
N ASN A 131 -23.96 -28.34 13.13
CA ASN A 131 -23.60 -27.77 11.85
C ASN A 131 -22.14 -27.38 11.77
N SER A 132 -21.39 -27.56 12.85
CA SER A 132 -20.13 -26.85 13.01
C SER A 132 -18.98 -27.49 12.26
N ILE A 133 -19.04 -28.80 11.99
CA ILE A 133 -17.90 -29.50 11.42
C ILE A 133 -17.51 -28.89 10.08
N GLU A 134 -18.47 -28.81 9.17
CA GLU A 134 -18.19 -28.21 7.86
C GLU A 134 -17.94 -26.72 7.97
N TYR A 135 -18.36 -26.09 9.06
CA TYR A 135 -18.07 -24.67 9.27
C TYR A 135 -16.64 -24.46 9.74
N ILE A 136 -16.19 -25.26 10.70
CA ILE A 136 -14.83 -25.13 11.20
C ILE A 136 -13.83 -25.43 10.09
N LEU A 137 -14.01 -26.56 9.40
CA LEU A 137 -13.10 -26.97 8.35
C LEU A 137 -13.06 -25.99 7.18
N SER A 138 -14.11 -25.20 6.97
CA SER A 138 -14.10 -24.23 5.88
C SER A 138 -13.05 -23.14 6.07
N PHE A 139 -12.42 -23.05 7.25
CA PHE A 139 -11.42 -22.03 7.54
C PHE A 139 -10.00 -22.57 7.44
N ILE A 140 -9.82 -23.78 6.90
CA ILE A 140 -8.52 -24.43 6.85
C ILE A 140 -7.60 -23.73 5.85
N ASN A 141 -6.30 -23.80 6.10
CA ASN A 141 -5.34 -23.14 5.24
C ASN A 141 -4.67 -24.12 4.29
N LYS A 142 -4.00 -23.57 3.28
CA LYS A 142 -3.39 -24.41 2.27
C LYS A 142 -2.24 -25.24 2.82
N GLU A 143 -1.59 -24.76 3.90
CA GLU A 143 -0.47 -25.48 4.50
C GLU A 143 -0.92 -26.79 5.13
N SER A 144 -2.09 -26.79 5.76
CA SER A 144 -2.62 -28.01 6.34
C SER A 144 -2.94 -29.04 5.27
N ILE A 145 -3.53 -28.59 4.16
CA ILE A 145 -3.91 -29.48 3.07
C ILE A 145 -2.68 -30.13 2.43
N TYR A 146 -1.62 -29.37 2.21
CA TYR A 146 -0.43 -29.94 1.59
C TYR A 146 0.12 -31.11 2.39
N ARG A 147 0.08 -31.03 3.72
CA ARG A 147 0.69 -32.04 4.59
C ARG A 147 -0.31 -33.06 5.09
N MET A 148 -1.51 -33.06 4.53
CA MET A 148 -2.65 -33.84 4.97
C MET A 148 -2.83 -35.05 4.07
N SER A 149 -3.35 -36.13 4.64
CA SER A 149 -3.82 -37.24 3.83
C SER A 149 -5.33 -37.23 3.65
N TYR A 150 -6.03 -36.62 4.61
CA TYR A 150 -7.48 -36.54 4.58
C TYR A 150 -7.97 -35.95 3.27
N GLN A 151 -9.15 -36.40 2.85
CA GLN A 151 -9.77 -35.97 1.60
C GLN A 151 -11.13 -35.37 1.92
N PHE A 152 -11.36 -34.16 1.44
CA PHE A 152 -12.61 -33.47 1.73
C PHE A 152 -13.78 -34.12 1.01
N SER A 153 -14.92 -34.18 1.67
CA SER A 153 -16.17 -34.45 0.97
C SER A 153 -16.51 -33.27 0.08
N GLU A 154 -17.45 -33.50 -0.84
CA GLU A 154 -17.87 -32.43 -1.75
C GLU A 154 -18.54 -31.27 -1.03
N ASN A 155 -19.33 -31.57 0.02
CA ASN A 155 -19.96 -30.51 0.80
C ASN A 155 -18.91 -29.63 1.47
N GLU A 156 -17.90 -30.25 2.07
CA GLU A 156 -16.80 -29.49 2.65
C GLU A 156 -16.13 -28.61 1.61
N ILE A 157 -15.90 -29.15 0.41
CA ILE A 157 -15.21 -28.41 -0.63
C ILE A 157 -16.03 -27.19 -1.05
N VAL A 158 -17.35 -27.32 -1.06
CA VAL A 158 -18.20 -26.19 -1.44
C VAL A 158 -18.17 -25.11 -0.36
N THR A 159 -18.44 -25.51 0.89
CA THR A 159 -18.32 -24.60 2.01
C THR A 159 -16.98 -23.88 2.03
N ILE A 160 -15.89 -24.59 1.73
CA ILE A 160 -14.56 -23.97 1.69
C ILE A 160 -14.48 -22.95 0.55
N ILE A 161 -14.98 -23.30 -0.62
CA ILE A 161 -14.81 -22.42 -1.77
C ILE A 161 -15.76 -21.22 -1.68
N ASN A 162 -16.89 -21.38 -1.00
CA ASN A 162 -17.76 -20.25 -0.73
C ASN A 162 -17.09 -19.23 0.18
N ARG A 163 -16.30 -19.71 1.15
CA ARG A 163 -15.63 -18.80 2.08
C ARG A 163 -14.43 -18.12 1.43
N ASP A 164 -13.67 -18.82 0.60
CA ASP A 164 -12.50 -18.24 -0.05
C ASP A 164 -12.30 -18.93 -1.39
N HIS A 165 -12.64 -18.23 -2.46
CA HIS A 165 -12.70 -18.83 -3.79
C HIS A 165 -11.39 -19.53 -4.15
N PHE A 166 -10.25 -18.89 -3.91
CA PHE A 166 -9.02 -19.50 -4.41
C PHE A 166 -8.53 -20.67 -3.57
N MET A 167 -9.22 -21.02 -2.48
CA MET A 167 -8.92 -22.28 -1.82
C MET A 167 -9.12 -23.48 -2.73
N TYR A 168 -9.80 -23.31 -3.87
CA TYR A 168 -9.93 -24.41 -4.81
C TYR A 168 -8.57 -24.86 -5.33
N GLU A 169 -7.55 -23.99 -5.30
CA GLU A 169 -6.25 -24.38 -5.85
C GLU A 169 -5.61 -25.50 -5.05
N PRO A 170 -5.37 -25.38 -3.73
CA PRO A 170 -4.80 -26.53 -3.01
C PRO A 170 -5.68 -27.76 -3.05
N ILE A 171 -7.01 -27.59 -3.06
CA ILE A 171 -7.90 -28.74 -3.06
C ILE A 171 -7.76 -29.52 -4.36
N TYR A 172 -7.77 -28.81 -5.49
CA TYR A 172 -7.75 -29.43 -6.80
C TYR A 172 -6.47 -30.19 -7.11
N GLU A 173 -5.39 -29.94 -6.40
CA GLU A 173 -4.20 -30.77 -6.60
C GLU A 173 -3.95 -31.70 -5.42
N HIS A 174 -4.81 -31.68 -4.41
CA HIS A 174 -4.72 -32.55 -3.25
C HIS A 174 -5.37 -33.91 -3.49
N GLN A 175 -6.51 -33.95 -4.19
CA GLN A 175 -7.30 -35.17 -4.20
C GLN A 175 -8.04 -35.32 -5.52
N VAL A 176 -8.40 -36.58 -5.83
CA VAL A 176 -9.12 -36.90 -7.06
C VAL A 176 -10.61 -36.60 -6.88
N LEU A 177 -11.17 -35.79 -7.77
CA LEU A 177 -12.53 -35.30 -7.63
C LEU A 177 -13.43 -35.93 -8.67
N ASP A 178 -14.71 -36.07 -8.32
CA ASP A 178 -15.65 -36.66 -9.26
C ASP A 178 -15.81 -35.74 -10.46
N SER A 179 -15.92 -36.35 -11.66
CA SER A 179 -15.91 -35.53 -12.87
C SER A 179 -17.21 -34.74 -13.06
N ASP A 180 -18.34 -35.23 -12.56
CA ASP A 180 -19.53 -34.39 -12.59
C ASP A 180 -19.42 -33.24 -11.61
N PHE A 181 -18.82 -33.49 -10.45
CA PHE A 181 -18.57 -32.42 -9.50
C PHE A 181 -17.65 -31.35 -10.09
N LEU A 182 -16.63 -31.76 -10.86
CA LEU A 182 -15.76 -30.78 -11.51
C LEU A 182 -16.54 -29.93 -12.50
N LYS A 183 -17.49 -30.53 -13.21
CA LYS A 183 -18.28 -29.77 -14.16
C LYS A 183 -19.21 -28.81 -13.44
N THR A 184 -19.86 -29.26 -12.35
CA THR A 184 -20.72 -28.37 -11.58
C THR A 184 -19.95 -27.16 -11.05
N MET A 185 -18.72 -27.37 -10.54
CA MET A 185 -17.92 -26.25 -10.06
C MET A 185 -17.51 -25.29 -11.17
N LEU A 186 -17.45 -25.77 -12.42
CA LEU A 186 -17.13 -24.89 -13.54
C LEU A 186 -18.34 -24.04 -13.94
N ASP A 187 -19.50 -24.69 -14.13
CA ASP A 187 -20.70 -23.98 -14.51
C ASP A 187 -21.11 -22.93 -13.47
N ARG A 188 -20.75 -23.13 -12.19
CA ARG A 188 -21.34 -22.37 -11.10
C ARG A 188 -20.39 -21.41 -10.42
N TYR A 189 -19.10 -21.70 -10.43
CA TYR A 189 -18.10 -20.83 -9.84
C TYR A 189 -17.05 -20.43 -10.86
N GLY A 190 -17.19 -20.86 -12.11
CA GLY A 190 -16.21 -20.59 -13.13
C GLY A 190 -14.85 -21.17 -12.87
N ILE A 191 -14.75 -22.17 -11.99
CA ILE A 191 -13.46 -22.79 -11.68
C ILE A 191 -13.09 -23.76 -12.78
N VAL A 192 -11.92 -23.57 -13.37
CA VAL A 192 -11.43 -24.41 -14.46
C VAL A 192 -11.14 -25.81 -13.90
N PRO A 193 -11.61 -26.87 -14.54
CA PRO A 193 -11.52 -28.21 -13.90
C PRO A 193 -10.16 -28.87 -14.04
N ILE A 194 -9.12 -28.27 -13.45
CA ILE A 194 -7.77 -28.85 -13.53
C ILE A 194 -7.58 -29.76 -12.33
N ASN A 195 -7.84 -31.05 -12.54
CA ASN A 195 -7.89 -32.07 -11.50
C ASN A 195 -7.74 -33.43 -12.17
N SER A 196 -7.08 -34.36 -11.49
CA SER A 196 -6.89 -35.65 -12.12
C SER A 196 -8.21 -36.41 -12.33
N GLY A 197 -9.33 -35.91 -11.82
CA GLY A 197 -10.61 -36.55 -12.03
C GLY A 197 -11.19 -36.40 -13.43
N ILE A 198 -10.56 -35.65 -14.34
CA ILE A 198 -11.07 -35.55 -15.70
C ILE A 198 -11.05 -36.92 -16.34
N ILE A 199 -12.23 -37.40 -16.75
CA ILE A 199 -12.36 -38.75 -17.28
C ILE A 199 -12.82 -38.74 -18.72
N ASP A 200 -13.70 -37.83 -19.09
CA ASP A 200 -14.29 -37.81 -20.41
C ASP A 200 -13.31 -37.24 -21.43
N GLU A 201 -13.33 -37.78 -22.64
CA GLU A 201 -12.53 -37.24 -23.73
C GLU A 201 -13.07 -35.88 -24.13
N LEU A 202 -12.19 -34.91 -24.23
CA LEU A 202 -12.58 -33.54 -24.56
C LEU A 202 -12.31 -33.26 -26.04
N CYS A 203 -13.22 -32.54 -26.67
CA CYS A 203 -13.05 -32.15 -28.04
C CYS A 203 -11.90 -31.15 -28.15
N PRO A 204 -11.31 -31.02 -29.34
CA PRO A 204 -10.21 -30.05 -29.50
C PRO A 204 -10.57 -28.65 -29.06
N GLU A 205 -11.83 -28.23 -29.27
CA GLU A 205 -12.26 -26.92 -28.82
C GLU A 205 -12.19 -26.81 -27.30
N ALA A 206 -12.59 -27.87 -26.58
CA ALA A 206 -12.65 -27.78 -25.12
C ALA A 206 -11.27 -27.58 -24.53
N ILE A 207 -10.28 -28.30 -25.07
CA ILE A 207 -8.90 -28.16 -24.63
C ILE A 207 -8.38 -26.74 -24.90
N ILE A 208 -8.65 -26.21 -26.09
CA ILE A 208 -8.19 -24.86 -26.42
C ILE A 208 -8.82 -23.83 -25.48
N GLU A 209 -10.09 -24.03 -25.14
CA GLU A 209 -10.77 -23.06 -24.29
C GLU A 209 -10.20 -23.08 -22.88
N ILE A 210 -9.91 -24.27 -22.35
CA ILE A 210 -9.37 -24.39 -20.99
C ILE A 210 -7.98 -23.76 -20.91
N LEU A 211 -7.14 -24.01 -21.91
CA LEU A 211 -5.84 -23.33 -21.98
C LEU A 211 -5.99 -21.81 -22.05
N MET A 212 -6.93 -21.32 -22.88
CA MET A 212 -7.12 -19.88 -23.01
C MET A 212 -7.56 -19.25 -21.70
N ALA A 213 -8.08 -20.05 -20.77
CA ALA A 213 -8.61 -19.56 -19.51
C ALA A 213 -7.63 -19.67 -18.35
N VAL A 214 -6.70 -20.65 -18.36
CA VAL A 214 -5.82 -20.82 -17.20
C VAL A 214 -4.89 -19.63 -17.09
N VAL A 215 -4.40 -19.39 -15.88
CA VAL A 215 -3.54 -18.25 -15.59
C VAL A 215 -2.17 -18.68 -15.09
N ARG A 216 -2.12 -19.63 -14.15
CA ARG A 216 -0.83 -20.10 -13.64
C ARG A 216 -0.22 -21.12 -14.61
N PRO A 217 1.08 -21.01 -14.91
CA PRO A 217 1.68 -22.01 -15.80
C PRO A 217 1.59 -23.43 -15.27
N ARG A 218 1.69 -23.63 -13.95
CA ARG A 218 1.59 -24.99 -13.41
C ARG A 218 0.23 -25.61 -13.68
N ASP A 219 -0.83 -24.81 -13.84
CA ASP A 219 -2.13 -25.37 -14.17
C ASP A 219 -2.21 -25.83 -15.62
N ALA A 220 -1.61 -25.06 -16.53
CA ALA A 220 -1.54 -25.50 -17.93
C ALA A 220 -0.78 -26.81 -18.04
N ILE A 221 0.36 -26.91 -17.35
CA ILE A 221 1.14 -28.13 -17.38
C ILE A 221 0.32 -29.30 -16.87
N ARG A 222 -0.33 -29.11 -15.72
CA ARG A 222 -1.15 -30.15 -15.12
C ARG A 222 -2.29 -30.55 -16.05
N PHE A 223 -3.02 -29.57 -16.58
CA PHE A 223 -4.13 -29.87 -17.48
C PHE A 223 -3.68 -30.75 -18.63
N LEU A 224 -2.62 -30.34 -19.33
CA LEU A 224 -2.20 -31.06 -20.52
C LEU A 224 -1.74 -32.48 -20.17
N ASP A 225 -1.06 -32.64 -19.03
CA ASP A 225 -0.62 -33.96 -18.60
C ASP A 225 -1.82 -34.88 -18.35
N ILE A 226 -2.82 -34.38 -17.63
CA ILE A 226 -4.04 -35.14 -17.38
C ILE A 226 -4.68 -35.58 -18.71
N VAL A 227 -4.89 -34.60 -19.60
CA VAL A 227 -5.61 -34.83 -20.85
C VAL A 227 -4.86 -35.81 -21.74
N ASN A 228 -3.53 -35.70 -21.77
CA ASN A 228 -2.80 -36.59 -22.67
C ASN A 228 -2.92 -38.04 -22.25
N LYS A 229 -3.19 -38.32 -20.97
CA LYS A 229 -3.40 -39.69 -20.54
C LYS A 229 -4.76 -40.22 -20.97
N ASN A 230 -5.71 -39.33 -21.25
CA ASN A 230 -7.06 -39.71 -21.67
C ASN A 230 -7.17 -39.91 -23.19
N GLN A 231 -6.34 -39.24 -23.98
CA GLN A 231 -6.63 -39.08 -25.40
C GLN A 231 -5.41 -38.52 -26.10
N LEU A 232 -5.38 -38.69 -27.42
CA LEU A 232 -4.28 -38.10 -28.17
C LEU A 232 -4.55 -36.62 -28.37
N THR A 233 -3.47 -35.88 -28.58
CA THR A 233 -3.54 -34.44 -28.78
C THR A 233 -3.68 -34.15 -30.28
N GLU A 234 -4.63 -33.29 -30.61
CA GLU A 234 -4.97 -33.04 -32.01
C GLU A 234 -4.01 -32.04 -32.64
N ASP A 235 -4.05 -31.96 -33.98
CA ASP A 235 -3.34 -30.91 -34.70
C ASP A 235 -3.93 -29.54 -34.39
N SER A 236 -5.23 -29.51 -34.07
CA SER A 236 -5.89 -28.25 -33.73
C SER A 236 -5.34 -27.69 -32.43
N VAL A 237 -5.14 -28.57 -31.45
CA VAL A 237 -4.54 -28.21 -30.18
C VAL A 237 -3.07 -27.81 -30.38
N LYS A 238 -2.32 -28.60 -31.16
CA LYS A 238 -0.91 -28.31 -31.38
C LYS A 238 -0.72 -26.93 -32.00
N ASN A 239 -1.61 -26.57 -32.92
CA ASN A 239 -1.50 -25.28 -33.60
C ASN A 239 -1.71 -24.12 -32.64
N TYR A 240 -2.71 -24.24 -31.76
CA TYR A 240 -2.97 -23.15 -30.81
C TYR A 240 -1.79 -22.97 -29.88
N ILE A 241 -1.17 -24.07 -29.43
CA ILE A 241 -0.09 -23.97 -28.46
C ILE A 241 1.13 -23.30 -29.08
N ILE A 242 1.41 -23.62 -30.35
CA ILE A 242 2.49 -22.94 -31.07
C ILE A 242 2.19 -21.45 -31.18
N ASN A 243 0.96 -21.09 -31.50
CA ASN A 243 0.60 -19.68 -31.59
C ASN A 243 0.59 -19.01 -30.23
N ASP A 244 0.28 -19.77 -29.17
CA ASP A 244 0.34 -19.18 -27.83
C ASP A 244 1.78 -18.94 -27.40
N ILE A 245 2.70 -19.85 -27.77
CA ILE A 245 4.11 -19.64 -27.52
C ILE A 245 4.59 -18.38 -28.23
N ARG A 246 4.14 -18.16 -29.46
CA ARG A 246 4.51 -16.96 -30.19
C ARG A 246 3.96 -15.69 -29.56
N ARG A 247 2.91 -15.79 -28.75
CA ARG A 247 2.41 -14.66 -27.97
C ARG A 247 3.14 -14.47 -26.65
N GLY A 248 4.22 -15.20 -26.41
CA GLY A 248 4.98 -15.06 -25.18
C GLY A 248 4.60 -16.02 -24.06
N LYS A 249 3.51 -16.77 -24.21
CA LYS A 249 3.11 -17.73 -23.16
C LYS A 249 3.92 -19.01 -23.34
N ILE A 250 5.00 -19.13 -22.57
CA ILE A 250 6.01 -20.15 -22.79
C ILE A 250 6.06 -21.14 -21.62
N ASP A 251 6.17 -20.65 -20.39
CA ASP A 251 6.23 -21.51 -19.22
C ASP A 251 5.12 -22.55 -19.20
N TYR A 252 3.94 -22.19 -19.71
CA TYR A 252 2.76 -23.06 -19.70
C TYR A 252 3.00 -24.36 -20.44
N TYR A 253 3.94 -24.40 -21.36
CA TYR A 253 3.96 -25.46 -22.33
C TYR A 253 5.27 -26.22 -22.40
N ILE A 254 6.23 -25.94 -21.54
CA ILE A 254 7.55 -26.51 -21.72
C ILE A 254 7.51 -28.02 -21.72
N PRO A 255 6.92 -28.71 -20.76
CA PRO A 255 6.84 -30.18 -20.85
C PRO A 255 6.12 -30.66 -22.09
N TYR A 256 5.02 -30.00 -22.46
CA TYR A 256 4.23 -30.46 -23.60
C TYR A 256 5.06 -30.43 -24.88
N VAL A 257 5.67 -29.29 -25.18
CA VAL A 257 6.47 -29.13 -26.39
C VAL A 257 7.57 -30.18 -26.46
N GLU A 258 8.25 -30.42 -25.34
CA GLU A 258 9.39 -31.34 -25.34
C GLU A 258 8.96 -32.77 -25.67
N ASP A 259 7.71 -33.14 -25.37
CA ASP A 259 7.23 -34.50 -25.56
C ASP A 259 6.44 -34.72 -26.84
N PHE A 260 5.81 -33.68 -27.40
CA PHE A 260 4.93 -33.86 -28.56
C PHE A 260 5.21 -32.93 -29.74
N LEU A 261 5.96 -31.85 -29.56
CA LEU A 261 6.18 -30.91 -30.67
C LEU A 261 7.61 -30.95 -31.17
N GLU A 262 8.30 -32.06 -30.97
CA GLU A 262 9.70 -32.16 -31.36
C GLU A 262 9.88 -31.96 -32.86
N ASP A 263 8.90 -32.34 -33.67
CA ASP A 263 8.98 -32.23 -35.12
C ASP A 263 8.36 -30.94 -35.66
N ARG A 264 8.14 -29.94 -34.81
CA ARG A 264 7.57 -28.67 -35.22
C ARG A 264 8.49 -27.48 -34.90
N THR A 265 9.79 -27.74 -34.78
CA THR A 265 10.72 -26.68 -34.41
C THR A 265 10.83 -25.59 -35.47
N GLU A 266 10.47 -25.88 -36.72
CA GLU A 266 10.49 -24.80 -37.71
C GLU A 266 9.28 -23.89 -37.57
N ASP A 267 8.13 -24.45 -37.19
CA ASP A 267 6.98 -23.62 -36.85
C ASP A 267 7.27 -22.77 -35.60
N LEU A 268 8.02 -23.30 -34.64
CA LEU A 268 8.32 -22.56 -33.42
C LEU A 268 9.31 -21.44 -33.67
N GLY A 269 10.14 -21.59 -34.71
CA GLY A 269 11.07 -20.54 -35.06
C GLY A 269 12.05 -20.27 -33.93
N ILE A 270 12.26 -18.98 -33.64
CA ILE A 270 13.21 -18.55 -32.62
C ILE A 270 12.87 -19.12 -31.25
N TYR A 271 11.61 -19.46 -31.01
CA TYR A 271 11.20 -19.98 -29.71
C TYR A 271 11.67 -21.41 -29.48
N ALA A 272 11.94 -22.15 -30.56
CA ALA A 272 12.26 -23.56 -30.44
C ALA A 272 13.44 -23.79 -29.49
N ASN A 273 14.39 -22.87 -29.46
CA ASN A 273 15.59 -23.13 -28.67
C ASN A 273 15.32 -23.13 -27.18
N ILE A 274 14.18 -22.56 -26.76
CA ILE A 274 13.82 -22.65 -25.35
C ILE A 274 13.52 -24.09 -24.98
N PHE A 275 12.98 -24.87 -25.91
CA PHE A 275 12.56 -26.25 -25.66
C PHE A 275 13.57 -27.30 -26.10
N PHE A 276 14.41 -26.98 -27.10
CA PHE A 276 15.40 -27.90 -27.65
C PHE A 276 16.69 -27.12 -27.87
N GLU A 277 17.73 -27.42 -27.07
CA GLU A 277 19.01 -26.73 -27.11
C GLU A 277 19.46 -26.44 -28.53
N ASP A 278 19.56 -25.15 -28.86
CA ASP A 278 20.13 -24.68 -30.12
C ASP A 278 19.48 -25.35 -31.34
N ALA A 279 18.16 -25.52 -31.27
CA ALA A 279 17.43 -26.26 -32.30
C ALA A 279 17.45 -25.54 -33.64
N ILE A 280 17.36 -24.21 -33.63
CA ILE A 280 17.28 -23.39 -34.83
C ILE A 280 18.40 -22.36 -34.79
N ASP A 281 19.07 -22.16 -35.92
CA ASP A 281 20.08 -21.12 -36.05
C ASP A 281 19.34 -19.81 -36.28
N ILE A 282 19.25 -18.99 -35.23
CA ILE A 282 18.44 -17.77 -35.32
C ILE A 282 19.10 -16.67 -36.15
N THR A 283 20.38 -16.81 -36.51
CA THR A 283 21.02 -15.79 -37.35
C THR A 283 20.41 -15.78 -38.76
N LYS A 284 19.88 -16.91 -39.22
CA LYS A 284 19.22 -17.00 -40.51
C LYS A 284 17.74 -16.60 -40.46
N LEU A 285 17.26 -16.11 -39.32
CA LEU A 285 15.87 -15.71 -39.17
C LEU A 285 15.76 -14.19 -39.08
N ASP A 286 14.64 -13.67 -39.56
CA ASP A 286 14.29 -12.27 -39.37
C ASP A 286 13.65 -12.14 -37.99
N ILE A 287 14.36 -11.52 -37.06
CA ILE A 287 13.93 -11.44 -35.67
C ILE A 287 13.25 -10.11 -35.43
N THR A 288 12.09 -10.14 -34.82
CA THR A 288 11.34 -8.92 -34.56
C THR A 288 11.56 -8.45 -33.14
N LYS A 289 11.24 -7.18 -32.92
CA LYS A 289 11.38 -6.60 -31.58
C LYS A 289 10.55 -7.36 -30.57
N THR A 290 9.35 -7.80 -30.97
CA THR A 290 8.49 -8.53 -30.06
C THR A 290 9.10 -9.87 -29.67
N GLU A 291 9.76 -10.53 -30.62
CA GLU A 291 10.39 -11.81 -30.32
C GLU A 291 11.55 -11.65 -29.33
N LEU A 292 12.28 -10.52 -29.42
CA LEU A 292 13.38 -10.31 -28.47
C LEU A 292 12.85 -10.02 -27.08
N GLU A 293 11.74 -9.27 -26.98
CA GLU A 293 11.12 -9.04 -25.67
C GLU A 293 10.74 -10.36 -25.02
N HIS A 294 10.06 -11.24 -25.77
CA HIS A 294 9.59 -12.51 -25.21
C HIS A 294 10.75 -13.41 -24.79
N ILE A 295 11.88 -13.40 -25.50
CA ILE A 295 12.98 -14.29 -25.11
C ILE A 295 13.94 -13.64 -24.13
N SER A 296 13.74 -12.36 -23.80
CA SER A 296 14.59 -11.69 -22.82
C SER A 296 14.61 -12.45 -21.50
N LYS A 297 13.46 -12.96 -21.06
CA LYS A 297 13.45 -13.80 -19.86
C LYS A 297 14.10 -15.16 -20.08
N TYR A 298 14.50 -15.52 -21.31
CA TYR A 298 14.97 -16.87 -21.62
C TYR A 298 16.37 -16.86 -22.22
N MET A 299 17.12 -15.79 -21.96
CA MET A 299 18.44 -15.60 -22.55
C MET A 299 19.41 -16.70 -22.20
N ASN A 300 19.22 -17.36 -21.05
CA ASN A 300 20.11 -18.47 -20.74
C ASN A 300 19.98 -19.63 -21.73
N TYR A 301 18.98 -19.60 -22.61
CA TYR A 301 18.85 -20.58 -23.68
C TYR A 301 19.40 -20.09 -25.01
N TYR A 302 19.90 -18.86 -25.07
CA TYR A 302 20.37 -18.30 -26.33
C TYR A 302 21.80 -17.79 -26.21
N THR A 303 22.59 -18.37 -25.29
CA THR A 303 23.96 -17.93 -25.11
C THR A 303 24.84 -18.30 -26.29
N THR A 304 24.47 -19.33 -27.06
CA THR A 304 25.18 -19.59 -28.30
C THR A 304 25.07 -18.42 -29.27
N TYR A 305 24.00 -17.63 -29.18
CA TYR A 305 23.76 -16.56 -30.14
C TYR A 305 23.75 -15.19 -29.49
N ILE A 306 24.41 -15.06 -28.33
CA ILE A 306 24.30 -13.84 -27.54
C ILE A 306 24.84 -12.62 -28.29
N ASP A 307 25.88 -12.80 -29.11
CA ASP A 307 26.44 -11.65 -29.84
C ASP A 307 25.48 -11.17 -30.93
N HIS A 308 24.93 -12.10 -31.72
CA HIS A 308 23.93 -11.75 -32.71
C HIS A 308 22.76 -10.99 -32.09
N ILE A 309 22.23 -11.51 -30.97
CA ILE A 309 21.11 -10.84 -30.30
C ILE A 309 21.52 -9.44 -29.84
N VAL A 310 22.63 -9.34 -29.11
CA VAL A 310 23.11 -8.04 -28.63
C VAL A 310 23.24 -7.07 -29.80
N ASN A 311 23.73 -7.57 -30.94
CA ASN A 311 23.98 -6.70 -32.09
C ASN A 311 22.68 -6.14 -32.65
N ILE A 312 21.65 -6.98 -32.77
CA ILE A 312 20.33 -6.50 -33.16
C ILE A 312 19.82 -5.43 -32.19
N ILE A 313 19.98 -5.68 -30.89
CA ILE A 313 19.52 -4.74 -29.86
C ILE A 313 20.20 -3.39 -30.04
N LEU A 314 21.53 -3.38 -30.17
CA LEU A 314 22.26 -2.12 -30.26
C LEU A 314 21.96 -1.40 -31.56
N GLN A 315 21.79 -2.15 -32.66
CA GLN A 315 21.60 -1.50 -33.95
C GLN A 315 20.21 -0.87 -34.06
N ASN A 316 19.22 -1.41 -33.35
CA ASN A 316 17.89 -0.84 -33.42
C ASN A 316 17.53 -0.02 -32.18
N ASN A 317 18.52 0.28 -31.33
CA ASN A 317 18.34 1.12 -30.14
C ASN A 317 17.24 0.58 -29.21
N TYR A 318 17.18 -0.75 -29.04
CA TYR A 318 16.24 -1.41 -28.14
C TYR A 318 16.79 -1.32 -26.71
N ILE A 319 16.66 -0.13 -26.12
CA ILE A 319 17.28 0.09 -24.82
C ILE A 319 16.55 -0.66 -23.73
N ASP A 320 15.21 -0.71 -23.79
CA ASP A 320 14.45 -1.44 -22.79
C ASP A 320 14.82 -2.91 -22.80
N ILE A 321 15.04 -3.47 -24.00
CA ILE A 321 15.40 -4.87 -24.13
C ILE A 321 16.80 -5.09 -23.60
N LEU A 322 17.73 -4.19 -23.94
CA LEU A 322 19.07 -4.21 -23.37
C LEU A 322 19.01 -4.15 -21.84
N ALA A 323 18.15 -3.30 -21.30
CA ALA A 323 18.04 -3.22 -19.84
C ALA A 323 17.54 -4.54 -19.27
N SER A 324 16.54 -5.15 -19.93
CA SER A 324 15.98 -6.40 -19.41
C SER A 324 16.97 -7.56 -19.47
N ILE A 325 17.99 -7.50 -20.32
CA ILE A 325 18.99 -8.57 -20.35
C ILE A 325 20.33 -8.11 -19.80
N ILE A 326 20.30 -7.13 -18.89
CA ILE A 326 21.52 -6.43 -18.51
C ILE A 326 22.51 -7.36 -17.84
N ASP A 327 22.05 -8.44 -17.22
CA ASP A 327 22.97 -9.37 -16.55
C ASP A 327 23.76 -10.20 -17.55
N TYR A 328 23.36 -10.19 -18.82
CA TYR A 328 24.05 -10.96 -19.84
C TYR A 328 24.96 -10.12 -20.74
N VAL A 329 25.10 -8.81 -20.48
CA VAL A 329 25.85 -7.93 -21.39
C VAL A 329 26.82 -7.05 -20.62
N GLN A 330 27.23 -7.50 -19.43
CA GLN A 330 28.15 -6.73 -18.58
C GLN A 330 29.43 -6.31 -19.34
N ASP A 331 29.96 -7.19 -20.19
CA ASP A 331 31.18 -6.91 -20.94
C ASP A 331 30.97 -5.88 -22.04
N VAL A 332 29.75 -5.67 -22.49
CA VAL A 332 29.45 -4.75 -23.58
C VAL A 332 29.17 -3.32 -23.10
N LEU A 333 28.92 -3.14 -21.80
CA LEU A 333 28.32 -1.88 -21.33
C LEU A 333 29.41 -0.84 -21.08
N THR A 334 29.53 0.09 -22.02
CA THR A 334 30.34 1.28 -21.86
C THR A 334 29.59 2.29 -20.98
N GLU A 335 30.35 3.26 -20.44
CA GLU A 335 29.72 4.37 -19.73
C GLU A 335 28.57 4.99 -20.52
N GLU A 336 28.80 5.17 -21.82
CA GLU A 336 27.78 5.70 -22.73
C GLU A 336 26.52 4.86 -22.68
N LEU A 337 26.66 3.52 -22.78
CA LEU A 337 25.48 2.66 -22.78
C LEU A 337 24.82 2.64 -21.42
N CYS A 338 25.61 2.55 -20.34
CA CYS A 338 25.10 2.70 -18.99
C CYS A 338 24.23 3.94 -18.84
N ILE A 339 24.65 5.06 -19.43
CA ILE A 339 23.86 6.28 -19.33
C ILE A 339 22.55 6.14 -20.09
N ARG A 340 22.60 5.64 -21.33
CA ARG A 340 21.38 5.39 -22.12
C ARG A 340 20.36 4.58 -21.34
N ILE A 341 20.81 3.47 -20.75
CA ILE A 341 19.92 2.61 -19.99
C ILE A 341 19.23 3.40 -18.89
N VAL A 342 20.01 4.18 -18.13
CA VAL A 342 19.44 4.88 -16.98
C VAL A 342 18.39 5.90 -17.44
N CYS A 343 18.67 6.60 -18.53
CA CYS A 343 17.78 7.67 -18.98
C CYS A 343 16.56 7.15 -19.76
N GLU A 344 16.74 6.14 -20.61
CA GLU A 344 15.72 5.78 -21.59
C GLU A 344 14.81 4.63 -21.18
N SER A 345 15.26 3.75 -20.28
CA SER A 345 14.49 2.55 -20.00
C SER A 345 13.23 2.91 -19.21
N THR A 346 12.17 2.10 -19.42
CA THR A 346 10.90 2.33 -18.74
C THR A 346 11.06 2.15 -17.24
N ASN A 347 11.72 1.08 -16.83
CA ASN A 347 11.90 0.76 -15.43
C ASN A 347 13.39 0.75 -15.08
N PRO A 348 13.72 1.05 -13.84
CA PRO A 348 15.13 1.14 -13.45
C PRO A 348 15.80 -0.22 -13.45
N VAL A 349 17.13 -0.18 -13.60
CA VAL A 349 18.00 -1.34 -13.45
C VAL A 349 18.79 -1.18 -12.16
N PRO A 350 19.24 -2.25 -11.52
CA PRO A 350 20.02 -2.10 -10.28
C PRO A 350 21.36 -1.43 -10.55
N VAL A 351 21.75 -0.51 -9.65
CA VAL A 351 23.06 0.15 -9.75
C VAL A 351 24.18 -0.87 -9.71
N THR A 352 23.98 -1.99 -9.00
CA THR A 352 25.02 -3.03 -9.04
C THR A 352 25.12 -3.69 -10.41
N SER A 353 24.11 -3.54 -11.27
CA SER A 353 24.24 -4.08 -12.63
C SER A 353 24.84 -3.08 -13.61
N LEU A 354 25.16 -1.85 -13.18
CA LEU A 354 25.89 -0.91 -14.02
C LEU A 354 27.38 -1.04 -13.73
N PRO A 355 28.21 -1.51 -14.67
CA PRO A 355 29.63 -1.72 -14.36
C PRO A 355 30.42 -0.43 -14.23
N ILE A 356 29.83 0.70 -14.60
CA ILE A 356 30.48 2.00 -14.55
C ILE A 356 29.77 2.84 -13.50
N HIS A 357 30.51 3.27 -12.48
CA HIS A 357 29.97 4.12 -11.43
C HIS A 357 30.67 5.48 -11.43
N SER A 358 30.74 6.12 -12.59
CA SER A 358 31.24 7.47 -12.68
C SER A 358 30.23 8.47 -12.09
N THR A 359 30.72 9.68 -11.81
CA THR A 359 29.85 10.78 -11.39
C THR A 359 28.78 11.08 -12.42
N LEU A 360 29.14 11.03 -13.69
CA LEU A 360 28.17 11.25 -14.75
C LEU A 360 27.05 10.22 -14.69
N VAL A 361 27.40 8.94 -14.51
CA VAL A 361 26.35 7.94 -14.39
C VAL A 361 25.55 8.17 -13.12
N MET A 362 26.24 8.61 -12.07
CA MET A 362 25.56 8.82 -10.80
C MET A 362 24.56 9.98 -10.90
N VAL A 363 24.92 11.09 -11.54
CA VAL A 363 23.95 12.17 -11.60
C VAL A 363 22.75 11.78 -12.47
N MET A 364 22.96 10.90 -13.46
CA MET A 364 21.81 10.42 -14.23
C MET A 364 20.89 9.54 -13.37
N CYS A 365 21.47 8.71 -12.51
CA CYS A 365 20.65 7.94 -11.59
C CYS A 365 19.94 8.83 -10.57
N ILE A 366 20.58 9.92 -10.14
CA ILE A 366 19.91 10.86 -9.24
C ILE A 366 18.74 11.52 -9.96
N GLN A 367 18.96 11.98 -11.18
CA GLN A 367 17.89 12.54 -11.98
C GLN A 367 16.73 11.55 -12.16
N MET A 368 17.02 10.26 -12.33
CA MET A 368 15.96 9.26 -12.50
C MET A 368 15.44 8.71 -11.17
N LYS A 369 15.83 9.27 -10.04
CA LYS A 369 15.29 8.90 -8.73
C LYS A 369 15.52 7.42 -8.41
N TYR A 370 16.65 6.88 -8.86
CA TYR A 370 17.02 5.54 -8.46
C TYR A 370 17.03 5.43 -6.93
N VAL A 371 16.46 4.32 -6.42
CA VAL A 371 16.36 4.10 -4.98
C VAL A 371 17.63 3.53 -4.40
N ASP A 372 18.56 3.09 -5.25
CA ASP A 372 19.76 2.41 -4.77
C ASP A 372 21.03 3.22 -5.08
N ILE A 373 20.96 4.55 -4.95
CA ILE A 373 22.11 5.41 -5.18
C ILE A 373 23.25 5.15 -4.22
N VAL A 374 22.97 4.55 -3.06
CA VAL A 374 24.02 4.24 -2.08
C VAL A 374 25.08 3.31 -2.67
N GLU A 375 24.72 2.51 -3.69
CA GLU A 375 25.68 1.57 -4.25
C GLU A 375 26.81 2.25 -5.02
N PHE A 376 26.74 3.57 -5.30
CA PHE A 376 27.87 4.30 -5.89
C PHE A 376 29.00 4.56 -4.90
N LEU A 377 28.81 4.24 -3.61
CA LEU A 377 29.84 4.45 -2.60
C LEU A 377 31.03 3.51 -2.76
N ASP A 378 30.99 2.55 -3.68
CA ASP A 378 32.23 1.82 -3.97
C ASP A 378 33.24 2.70 -4.71
N GLU A 379 32.80 3.74 -5.42
CA GLU A 379 33.70 4.61 -6.17
C GLU A 379 33.68 6.07 -5.75
N ILE A 380 32.60 6.54 -5.17
CA ILE A 380 32.35 7.95 -4.92
C ILE A 380 32.07 8.16 -3.43
N ASP A 381 32.64 9.21 -2.86
CA ASP A 381 32.49 9.44 -1.42
C ASP A 381 31.11 10.02 -1.10
N ILE A 382 30.71 9.83 0.15
CA ILE A 382 29.37 10.26 0.57
C ILE A 382 29.16 11.76 0.35
N ASP A 383 30.20 12.58 0.57
CA ASP A 383 30.01 14.04 0.41
C ASP A 383 29.66 14.41 -1.02
N THR A 384 30.32 13.77 -1.99
CA THR A 384 30.02 14.00 -3.40
C THR A 384 28.60 13.53 -3.74
N LEU A 385 28.20 12.34 -3.25
CA LEU A 385 26.80 11.94 -3.35
C LEU A 385 25.86 13.03 -2.85
N ILE A 386 26.07 13.52 -1.62
CA ILE A 386 25.15 14.50 -1.06
C ILE A 386 25.20 15.81 -1.85
N GLU A 387 26.40 16.30 -2.14
CA GLU A 387 26.56 17.51 -2.94
C GLU A 387 25.86 17.40 -4.28
N LYS A 388 25.91 16.23 -4.92
CA LYS A 388 25.26 16.10 -6.22
C LYS A 388 23.78 15.76 -6.09
N GLY A 389 23.20 15.88 -4.89
CA GLY A 389 21.77 15.73 -4.68
C GLY A 389 21.28 14.33 -4.39
N ALA A 390 22.17 13.39 -4.04
CA ALA A 390 21.70 12.05 -3.73
C ALA A 390 20.98 12.00 -2.39
N ASP A 391 19.98 11.13 -2.32
CA ASP A 391 19.43 10.68 -1.04
C ASP A 391 19.63 9.16 -0.94
N PRO A 392 20.67 8.70 -0.23
CA PRO A 392 20.85 7.26 -0.01
C PRO A 392 20.07 6.66 1.15
N ILE A 393 19.11 7.35 1.75
CA ILE A 393 18.41 6.82 2.93
C ILE A 393 17.03 6.38 2.42
N THR A 394 16.95 5.14 1.93
CA THR A 394 15.80 4.61 1.25
C THR A 394 15.47 3.24 1.82
N GLU A 395 14.33 2.71 1.39
CA GLU A 395 14.02 1.31 1.71
C GLU A 395 15.09 0.38 1.17
N TYR A 396 15.55 0.60 -0.08
CA TYR A 396 16.59 -0.25 -0.63
C TYR A 396 17.78 -0.32 0.33
N THR A 397 18.24 0.85 0.80
CA THR A 397 19.45 0.84 1.61
C THR A 397 19.27 -0.01 2.85
N PHE A 398 18.05 -0.01 3.41
CA PHE A 398 17.76 -0.78 4.63
C PHE A 398 17.90 -2.28 4.39
N THR A 399 17.76 -2.74 3.14
CA THR A 399 17.99 -4.15 2.84
C THR A 399 19.45 -4.49 2.60
N THR A 400 20.37 -3.54 2.73
CA THR A 400 21.78 -3.84 2.57
C THR A 400 22.49 -3.76 3.91
N ARG A 401 23.81 -3.98 3.85
CA ARG A 401 24.69 -3.88 5.01
C ARG A 401 25.38 -2.53 5.10
N TRP A 402 24.97 -1.56 4.27
CA TRP A 402 25.67 -0.28 4.18
C TRP A 402 25.65 0.52 5.48
N TYR A 403 24.62 0.32 6.34
CA TYR A 403 24.57 1.09 7.60
C TYR A 403 25.64 0.65 8.57
N ASN A 404 26.11 -0.60 8.49
CA ASN A 404 27.23 -1.06 9.27
C ASN A 404 28.58 -0.70 8.67
N LYS A 405 28.65 -0.35 7.39
CA LYS A 405 29.92 -0.03 6.74
C LYS A 405 30.31 1.44 6.81
N HIS A 406 29.43 2.31 7.33
CA HIS A 406 29.58 3.74 7.06
C HIS A 406 28.73 4.55 8.03
N ASN A 407 29.34 5.02 9.13
CA ASN A 407 28.59 5.75 10.14
C ASN A 407 28.00 7.06 9.62
N ASP A 408 28.50 7.59 8.50
CA ASP A 408 27.91 8.79 7.90
C ASP A 408 26.51 8.51 7.38
N LEU A 409 26.24 7.26 6.95
CA LEU A 409 24.89 6.94 6.53
C LEU A 409 23.93 6.88 7.70
N ILE A 410 24.43 6.51 8.88
CA ILE A 410 23.56 6.45 10.05
C ILE A 410 23.26 7.86 10.51
N THR A 411 24.25 8.74 10.42
CA THR A 411 24.01 10.15 10.69
C THR A 411 22.96 10.72 9.72
N LEU A 412 23.08 10.40 8.43
CA LEU A 412 22.09 10.89 7.46
C LEU A 412 20.70 10.30 7.76
N TYR A 413 20.64 9.07 8.26
CA TYR A 413 19.37 8.46 8.65
C TYR A 413 18.74 9.24 9.79
N ILE A 414 19.55 9.62 10.77
CA ILE A 414 19.07 10.42 11.89
C ILE A 414 18.59 11.79 11.43
N LYS A 415 19.35 12.46 10.55
CA LYS A 415 18.94 13.77 10.07
C LYS A 415 17.59 13.69 9.35
N LYS A 416 17.35 12.59 8.63
CA LYS A 416 16.07 12.40 7.94
C LYS A 416 14.95 11.93 8.86
N TYR A 417 15.27 11.13 9.88
CA TYR A 417 14.23 10.44 10.66
C TYR A 417 14.36 10.51 12.18
N GLY A 418 15.30 11.27 12.75
CA GLY A 418 15.50 11.21 14.20
C GLY A 418 14.31 11.62 15.04
N PHE A 419 13.36 12.34 14.46
CA PHE A 419 12.11 12.75 15.10
C PHE A 419 11.00 11.74 14.92
N CYS A 420 11.23 10.70 14.12
CA CYS A 420 10.15 9.84 13.66
C CYS A 420 10.19 8.51 14.39
N PRO A 421 9.28 8.24 15.34
CA PRO A 421 9.43 7.03 16.18
C PRO A 421 9.44 5.74 15.39
N MET A 422 8.58 5.62 14.38
CA MET A 422 8.49 4.38 13.62
C MET A 422 9.79 4.11 12.85
N MET A 423 10.39 5.14 12.25
CA MET A 423 11.62 4.87 11.49
C MET A 423 12.81 4.62 12.40
N MET A 424 12.86 5.28 13.57
CA MET A 424 13.99 5.03 14.45
C MET A 424 13.87 3.65 15.08
N LYS A 425 12.66 3.26 15.49
CA LYS A 425 12.39 1.90 15.94
C LYS A 425 12.95 0.87 14.95
N ARG A 426 12.75 1.11 13.65
CA ARG A 426 13.16 0.15 12.65
C ARG A 426 14.68 0.00 12.60
N LEU A 427 15.40 1.11 12.64
CA LEU A 427 16.86 1.03 12.65
C LEU A 427 17.37 0.48 13.98
N MET A 428 16.79 0.95 15.10
CA MET A 428 17.24 0.51 16.42
C MET A 428 16.98 -0.97 16.67
N PHE A 429 15.89 -1.53 16.11
CA PHE A 429 15.49 -2.87 16.48
C PHE A 429 15.34 -3.84 15.34
N GLU A 430 15.17 -3.39 14.10
CA GLU A 430 14.85 -4.34 13.04
C GLU A 430 15.93 -4.35 11.95
N TYR A 431 17.13 -3.90 12.28
CA TYR A 431 18.26 -3.86 11.37
C TYR A 431 19.43 -4.46 12.13
N PRO A 432 20.21 -5.35 11.52
CA PRO A 432 21.29 -6.01 12.27
C PRO A 432 22.51 -5.12 12.45
N LEU A 433 22.38 -4.13 13.32
CA LEU A 433 23.48 -3.22 13.60
C LEU A 433 24.58 -3.91 14.41
N THR A 434 25.81 -3.43 14.21
CA THR A 434 26.94 -3.78 15.05
C THR A 434 26.92 -2.97 16.34
N LYS A 435 27.69 -3.45 17.32
CA LYS A 435 27.90 -2.71 18.55
C LYS A 435 28.37 -1.28 18.26
N GLU A 436 29.36 -1.15 17.38
CA GLU A 436 29.91 0.17 17.10
C GLU A 436 28.89 1.02 16.37
N ALA A 437 28.16 0.43 15.41
CA ALA A 437 27.12 1.19 14.72
C ALA A 437 26.01 1.58 15.69
N SER A 438 25.56 0.63 16.53
CA SER A 438 24.55 0.94 17.53
C SER A 438 25.01 2.05 18.45
N ASP A 439 26.29 2.05 18.81
CA ASP A 439 26.84 3.09 19.67
C ASP A 439 26.82 4.45 18.98
N HIS A 440 27.25 4.50 17.71
CA HIS A 440 27.24 5.76 16.98
C HIS A 440 25.83 6.31 16.87
N LEU A 441 24.87 5.45 16.55
CA LEU A 441 23.47 5.86 16.45
C LEU A 441 23.00 6.56 17.73
N LEU A 442 23.19 5.90 18.88
CA LEU A 442 22.68 6.45 20.13
C LEU A 442 23.48 7.67 20.58
N LYS A 443 24.78 7.71 20.26
CA LYS A 443 25.60 8.88 20.57
C LYS A 443 25.14 10.09 19.77
N THR A 444 24.99 9.90 18.44
CA THR A 444 24.61 11.01 17.57
C THR A 444 23.24 11.57 17.95
N MET A 445 22.28 10.70 18.29
CA MET A 445 20.97 11.22 18.69
C MET A 445 21.02 11.90 20.05
N ASP A 446 21.89 11.42 20.94
CA ASP A 446 21.92 11.95 22.30
C ASP A 446 22.60 13.32 22.35
N GLU A 447 23.65 13.50 21.55
CA GLU A 447 24.36 14.76 21.50
C GLU A 447 23.72 15.79 20.57
N ASN A 448 22.63 15.45 19.89
CA ASN A 448 21.97 16.42 19.01
C ASN A 448 20.49 16.46 19.33
N ARG A 449 20.19 16.83 20.58
CA ARG A 449 18.82 16.93 21.03
C ARG A 449 18.13 18.15 20.44
N GLY A 450 16.82 18.15 20.55
CA GLY A 450 16.08 19.29 20.09
C GLY A 450 15.85 19.22 18.61
N ALA A 451 15.83 20.40 17.98
CA ALA A 451 15.55 20.53 16.58
C ALA A 451 16.77 20.92 15.74
N ILE A 452 17.96 21.04 16.35
CA ILE A 452 19.10 21.63 15.66
CA ILE A 452 19.10 21.64 15.65
C ILE A 452 19.51 20.82 14.44
N MET A 453 19.44 19.49 14.54
CA MET A 453 19.86 18.67 13.41
C MET A 453 18.93 18.72 12.22
N PHE A 454 17.74 19.32 12.37
CA PHE A 454 16.72 19.31 11.34
C PHE A 454 16.49 20.70 10.77
N PHE A 455 17.20 21.63 11.27
CA PHE A 455 17.22 23.00 10.83
C PHE A 455 18.03 23.11 9.52
N PRO A 456 17.57 23.90 8.54
CA PRO A 456 16.36 24.72 8.61
C PRO A 456 15.26 24.25 7.67
N ARG A 457 15.54 23.18 6.92
CA ARG A 457 14.58 22.69 5.94
C ARG A 457 13.61 21.69 6.54
N THR A 458 14.12 20.71 7.30
CA THR A 458 13.30 19.59 7.73
C THR A 458 12.27 20.01 8.78
N ILE A 459 12.62 20.98 9.64
CA ILE A 459 11.71 21.49 10.68
C ILE A 459 10.44 22.08 10.09
N CYS A 460 10.42 22.41 8.79
CA CYS A 460 9.27 22.98 8.12
CA CYS A 460 9.20 22.95 8.20
C CYS A 460 8.61 22.01 7.14
N THR A 461 8.87 20.71 7.26
CA THR A 461 8.23 19.73 6.38
C THR A 461 7.04 19.09 7.10
N LEU A 462 6.05 18.67 6.32
CA LEU A 462 4.84 18.08 6.90
C LEU A 462 5.14 16.86 7.78
N PRO A 463 5.93 15.86 7.35
CA PRO A 463 6.18 14.72 8.26
C PRO A 463 6.77 15.17 9.57
N TYR A 464 7.68 16.15 9.56
CA TYR A 464 8.22 16.64 10.81
C TYR A 464 7.13 17.23 11.70
N LEU A 465 6.19 17.97 11.11
CA LEU A 465 5.18 18.63 11.92
C LEU A 465 4.14 17.65 12.41
N LEU A 466 3.85 16.61 11.65
CA LEU A 466 2.99 15.55 12.12
C LEU A 466 3.58 14.83 13.34
N CYS A 467 4.89 14.84 13.50
CA CYS A 467 5.51 14.12 14.62
C CYS A 467 5.83 15.01 15.81
N CYS A 468 5.73 16.35 15.71
CA CYS A 468 5.64 17.20 16.91
C CYS A 468 4.41 16.93 17.74
N ASN A 469 3.41 16.27 17.16
CA ASN A 469 2.21 15.91 17.93
C ASN A 469 1.53 17.19 18.40
N TYR A 470 1.47 18.14 17.50
CA TYR A 470 0.77 19.38 17.81
C TYR A 470 -0.72 19.10 18.00
N LYS A 471 -1.45 20.19 17.95
CA LYS A 471 -2.88 20.27 18.11
C LYS A 471 -3.31 21.32 17.10
N LEU A 472 -4.50 21.19 16.59
CA LEU A 472 -5.11 22.32 15.92
C LEU A 472 -6.05 22.99 16.93
N ILE A 473 -5.80 24.26 17.20
CA ILE A 473 -6.67 25.06 18.04
C ILE A 473 -7.92 25.43 17.25
N GLN A 474 -9.08 25.17 17.83
CA GLN A 474 -10.33 25.60 17.20
C GLN A 474 -10.67 27.00 17.66
N LYS A 475 -11.12 27.82 16.73
CA LYS A 475 -11.53 29.14 17.14
C LYS A 475 -13.01 29.15 17.49
N PRO A 476 -13.45 29.95 18.46
CA PRO A 476 -14.88 30.02 18.77
C PRO A 476 -15.65 30.66 17.61
N ILE A 477 -16.93 30.32 17.54
CA ILE A 477 -17.75 30.80 16.44
C ILE A 477 -18.24 32.21 16.76
N PRO A 478 -18.05 33.18 15.86
CA PRO A 478 -18.52 34.56 16.11
C PRO A 478 -20.04 34.70 16.02
N PHE A 479 -20.52 35.76 16.66
CA PHE A 479 -21.94 36.12 16.60
C PHE A 479 -22.40 36.29 15.17
N LYS A 480 -23.58 35.78 14.86
CA LYS A 480 -24.10 35.76 13.51
C LYS A 480 -25.40 36.55 13.45
N GLU A 481 -25.50 37.45 12.48
CA GLU A 481 -26.78 38.07 12.11
C GLU A 481 -26.69 38.36 10.61
N GLU A 482 -27.36 37.53 9.82
CA GLU A 482 -27.13 37.49 8.38
C GLU A 482 -27.77 38.69 7.71
N ASN A 483 -26.94 39.55 7.10
CA ASN A 483 -27.43 40.72 6.38
C ASN A 483 -27.18 40.65 4.88
N ARG A 484 -26.50 39.61 4.39
CA ARG A 484 -26.15 39.54 2.98
C ARG A 484 -27.34 39.13 2.12
N ASN A 485 -27.21 39.39 0.82
CA ASN A 485 -28.30 39.19 -0.12
C ASN A 485 -28.08 37.86 -0.82
N ILE A 486 -28.46 36.80 -0.13
CA ILE A 486 -28.20 35.43 -0.56
C ILE A 486 -29.40 34.94 -1.37
N VAL A 487 -29.12 34.36 -2.52
CA VAL A 487 -30.16 33.80 -3.39
C VAL A 487 -30.46 32.38 -2.92
N TYR A 488 -31.70 32.16 -2.47
CA TYR A 488 -32.12 30.87 -1.94
C TYR A 488 -32.97 30.11 -2.96
N LYS A 489 -32.99 28.79 -2.80
CA LYS A 489 -33.77 27.96 -3.69
C LYS A 489 -35.27 28.21 -3.48
N LYS A 490 -36.04 27.89 -4.53
CA LYS A 490 -37.49 28.03 -4.49
C LYS A 490 -38.19 26.80 -3.93
N ASN A 491 -37.44 25.85 -3.37
CA ASN A 491 -38.00 24.67 -2.74
C ASN A 491 -37.27 24.44 -1.42
N ASN A 492 -37.99 23.89 -0.45
CA ASN A 492 -37.36 23.56 0.81
C ASN A 492 -36.83 22.13 0.77
N ARG A 493 -36.18 21.72 1.85
CA ARG A 493 -35.53 20.43 1.93
C ARG A 493 -35.70 19.92 3.36
N VAL A 494 -35.89 18.60 3.51
CA VAL A 494 -36.06 18.01 4.84
C VAL A 494 -35.01 16.93 5.02
N LEU A 495 -34.22 17.06 6.08
CA LEU A 495 -33.28 16.05 6.53
C LEU A 495 -33.72 15.57 7.91
N CYS A 496 -33.75 14.26 8.09
CA CYS A 496 -34.20 13.66 9.35
C CYS A 496 -33.09 12.85 9.98
N PHE A 497 -33.15 12.71 11.31
CA PHE A 497 -32.10 12.08 12.09
C PHE A 497 -32.75 11.28 13.21
N ASP A 498 -32.09 10.19 13.61
CA ASP A 498 -32.67 9.25 14.56
C ASP A 498 -32.85 9.86 15.95
N SER A 499 -32.00 10.81 16.34
CA SER A 499 -32.15 11.52 17.61
C SER A 499 -31.49 12.88 17.47
N LEU A 500 -31.62 13.69 18.53
CA LEU A 500 -30.97 14.99 18.56
C LEU A 500 -29.51 14.91 19.03
N GLU A 501 -29.09 13.78 19.57
CA GLU A 501 -27.69 13.51 19.83
C GLU A 501 -26.92 13.21 18.56
N ASN A 502 -27.61 13.02 17.45
CA ASN A 502 -26.97 12.56 16.23
C ASN A 502 -25.91 13.58 15.81
N SER A 503 -24.67 13.11 15.65
CA SER A 503 -23.57 14.04 15.38
C SER A 503 -23.79 14.80 14.08
N ALA A 504 -24.38 14.15 13.07
CA ALA A 504 -24.68 14.84 11.82
C ALA A 504 -25.74 15.92 12.04
N PHE A 505 -26.76 15.63 12.85
CA PHE A 505 -27.71 16.69 13.20
C PHE A 505 -27.02 17.85 13.91
N LYS A 506 -26.15 17.55 14.88
CA LYS A 506 -25.51 18.61 15.66
C LYS A 506 -24.62 19.50 14.77
N SER A 507 -23.93 18.91 13.79
CA SER A 507 -23.08 19.71 12.91
C SER A 507 -23.89 20.53 11.91
N LEU A 508 -24.99 19.99 11.38
CA LEU A 508 -25.88 20.80 10.54
C LEU A 508 -26.32 22.06 11.28
N ILE A 509 -26.68 21.93 12.56
CA ILE A 509 -27.13 23.09 13.33
C ILE A 509 -25.96 24.04 13.59
N LYS A 510 -24.76 23.48 13.86
CA LYS A 510 -23.61 24.33 14.07
C LYS A 510 -23.26 25.11 12.80
N ILE A 511 -23.30 24.46 11.65
CA ILE A 511 -22.96 25.13 10.40
C ILE A 511 -23.90 26.29 10.14
N ASP A 512 -25.20 26.13 10.47
CA ASP A 512 -26.13 27.25 10.39
C ASP A 512 -25.73 28.41 11.29
N SER A 513 -24.96 28.16 12.35
CA SER A 513 -24.58 29.26 13.22
C SER A 513 -23.34 29.98 12.76
N ILE A 514 -22.66 29.49 11.71
CA ILE A 514 -21.37 29.97 11.32
C ILE A 514 -21.55 31.12 10.29
N PRO A 515 -21.01 32.29 10.56
CA PRO A 515 -21.20 33.43 9.63
C PRO A 515 -20.20 33.42 8.48
N GLY A 516 -20.58 34.12 7.42
CA GLY A 516 -19.64 34.40 6.35
C GLY A 516 -19.32 33.25 5.43
N LEU A 517 -20.11 32.18 5.43
CA LEU A 517 -19.91 31.11 4.47
C LEU A 517 -20.45 31.51 3.10
N LYS A 518 -19.81 31.00 2.06
CA LYS A 518 -20.13 31.38 0.69
C LYS A 518 -21.10 30.43 -0.01
N THR A 519 -21.14 29.14 0.37
CA THR A 519 -22.02 28.18 -0.28
C THR A 519 -22.95 27.43 0.68
N TYR A 520 -22.59 27.28 1.95
CA TYR A 520 -23.37 26.48 2.90
C TYR A 520 -24.22 27.39 3.78
N ASN A 521 -25.28 27.93 3.20
CA ASN A 521 -26.20 28.83 3.89
C ASN A 521 -27.62 28.30 3.80
N MET A 522 -28.41 28.58 4.85
CA MET A 522 -29.73 28.00 5.01
C MET A 522 -30.69 29.04 5.56
N LYS A 523 -31.93 28.99 5.08
CA LYS A 523 -32.96 29.96 5.42
C LYS A 523 -34.14 29.24 6.05
N ASP A 524 -34.77 29.88 7.03
CA ASP A 524 -36.06 29.48 7.58
C ASP A 524 -36.06 28.02 8.05
N ILE A 525 -35.25 27.77 9.07
CA ILE A 525 -35.11 26.45 9.67
C ILE A 525 -36.25 26.25 10.67
N THR A 526 -37.05 25.22 10.43
CA THR A 526 -38.07 24.76 11.35
C THR A 526 -37.71 23.34 11.80
N TYR A 527 -38.31 22.91 12.91
CA TYR A 527 -38.07 21.58 13.45
C TYR A 527 -39.35 20.79 13.56
N GLU A 528 -39.24 19.47 13.38
CA GLU A 528 -40.34 18.56 13.64
C GLU A 528 -39.77 17.31 14.30
N LYS A 529 -40.52 16.78 15.26
CA LYS A 529 -40.07 15.64 16.07
C LYS A 529 -41.12 14.53 16.01
N SER A 530 -40.65 13.30 16.15
CA SER A 530 -41.54 12.15 16.33
C SER A 530 -40.78 11.16 17.21
N ASN A 531 -41.18 11.10 18.48
CA ASN A 531 -40.43 10.38 19.50
C ASN A 531 -38.97 10.80 19.43
N ASN A 532 -38.07 9.89 19.05
CA ASN A 532 -36.65 10.26 19.04
C ASN A 532 -36.25 10.98 17.77
N ILE A 533 -36.97 10.74 16.67
CA ILE A 533 -36.57 11.27 15.37
C ILE A 533 -36.73 12.79 15.37
N ILE A 534 -35.77 13.47 14.78
CA ILE A 534 -35.82 14.92 14.62
C ILE A 534 -35.58 15.23 13.15
N CYS A 535 -36.52 15.97 12.53
CA CYS A 535 -36.36 16.38 11.15
C CYS A 535 -36.15 17.89 11.08
N VAL A 536 -35.31 18.32 10.15
CA VAL A 536 -34.97 19.71 9.96
C VAL A 536 -35.53 20.12 8.60
N ARG A 537 -36.39 21.14 8.61
CA ARG A 537 -36.92 21.72 7.38
C ARG A 537 -36.22 23.05 7.16
N PHE A 538 -35.73 23.27 5.93
CA PHE A 538 -35.00 24.50 5.66
C PHE A 538 -34.97 24.75 4.16
N ILE A 539 -34.60 25.95 3.78
CA ILE A 539 -34.54 26.38 2.39
C ILE A 539 -33.07 26.57 2.03
N PRO A 540 -32.50 25.73 1.17
CA PRO A 540 -31.05 25.80 0.92
C PRO A 540 -30.66 26.95 0.00
N GLN A 541 -29.42 27.37 0.12
CA GLN A 541 -28.87 28.34 -0.82
C GLN A 541 -28.93 27.79 -2.25
N GLU A 542 -29.32 28.65 -3.19
CA GLU A 542 -29.24 28.29 -4.61
C GLU A 542 -27.80 28.06 -5.03
N SER A 543 -27.59 27.10 -5.93
CA SER A 543 -26.24 26.74 -6.33
C SER A 543 -25.62 27.82 -7.22
N ILE A 544 -24.31 28.06 -7.01
CA ILE A 544 -23.58 29.03 -7.81
C ILE A 544 -23.47 28.52 -9.24
N HIS A 545 -23.92 29.33 -10.20
CA HIS A 545 -24.07 28.86 -11.58
C HIS A 545 -22.71 28.59 -12.22
N ASN A 546 -21.71 29.45 -11.95
CA ASN A 546 -20.40 29.27 -12.55
C ASN A 546 -19.66 28.17 -11.81
N GLU A 547 -19.35 27.07 -12.51
CA GLU A 547 -18.76 25.90 -11.87
C GLU A 547 -17.39 26.22 -11.28
N GLU A 548 -16.58 27.01 -11.96
CA GLU A 548 -15.27 27.35 -11.42
C GLU A 548 -15.40 28.18 -10.15
N ARG A 549 -16.30 29.17 -10.16
CA ARG A 549 -16.54 29.96 -8.95
C ARG A 549 -17.08 29.07 -7.83
N ARG A 550 -18.00 28.17 -8.15
CA ARG A 550 -18.59 27.30 -7.14
C ARG A 550 -17.53 26.47 -6.44
N ILE A 551 -16.58 25.93 -7.20
CA ILE A 551 -15.53 25.10 -6.62
C ILE A 551 -14.57 25.93 -5.77
N LYS A 552 -14.20 27.12 -6.26
CA LYS A 552 -13.37 28.01 -5.45
C LYS A 552 -14.06 28.39 -4.15
N LEU A 553 -15.36 28.76 -4.21
CA LEU A 553 -16.07 29.19 -3.02
C LEU A 553 -16.34 28.02 -2.07
N GLN A 554 -16.43 26.79 -2.58
CA GLN A 554 -16.58 25.64 -1.69
C GLN A 554 -15.32 25.39 -0.88
N LEU A 555 -14.14 25.65 -1.46
CA LEU A 555 -12.90 25.42 -0.71
C LEU A 555 -12.73 26.46 0.38
N PHE A 556 -13.10 27.71 0.09
CA PHE A 556 -13.18 28.72 1.14
C PHE A 556 -14.04 28.22 2.31
N ASP A 557 -15.24 27.73 2.01
CA ASP A 557 -16.12 27.24 3.08
C ASP A 557 -15.48 26.08 3.84
N ILE A 558 -14.84 25.16 3.13
CA ILE A 558 -14.15 24.06 3.79
C ILE A 558 -13.07 24.59 4.75
N ALA A 559 -12.26 25.54 4.28
CA ALA A 559 -11.26 26.15 5.16
C ALA A 559 -11.90 26.86 6.34
N ARG A 560 -12.99 27.61 6.11
CA ARG A 560 -13.62 28.33 7.21
C ARG A 560 -14.23 27.37 8.24
N LEU A 561 -14.85 26.28 7.77
CA LEU A 561 -15.42 25.28 8.70
C LEU A 561 -14.34 24.61 9.52
N ALA A 562 -13.21 24.27 8.88
CA ALA A 562 -12.07 23.68 9.57
C ALA A 562 -11.55 24.59 10.68
N SER A 563 -11.41 25.89 10.41
CA SER A 563 -10.97 26.83 11.44
C SER A 563 -11.86 26.80 12.67
N TYR A 564 -13.14 26.43 12.52
CA TYR A 564 -14.07 26.33 13.64
C TYR A 564 -14.22 24.90 14.16
N GLY A 565 -13.45 23.94 13.66
CA GLY A 565 -13.48 22.61 14.22
C GLY A 565 -14.30 21.58 13.46
N LEU A 566 -14.82 21.91 12.28
CA LEU A 566 -15.67 21.01 11.49
C LEU A 566 -14.95 20.59 10.21
N TYR A 567 -14.77 19.27 10.06
CA TYR A 567 -14.09 18.66 8.92
C TYR A 567 -15.00 17.64 8.27
N TYR A 568 -14.69 17.30 7.02
CA TYR A 568 -15.37 16.20 6.34
C TYR A 568 -14.33 15.26 5.74
N ILE A 569 -14.69 14.00 5.62
CA ILE A 569 -13.83 12.98 5.06
C ILE A 569 -14.15 12.86 3.57
N PRO A 570 -13.19 13.17 2.66
CA PRO A 570 -13.53 13.16 1.23
C PRO A 570 -13.56 11.75 0.64
N SER A 571 -14.24 10.82 1.33
CA SER A 571 -14.12 9.42 0.94
C SER A 571 -14.86 9.11 -0.35
N ARG A 572 -15.83 9.94 -0.76
CA ARG A 572 -16.47 9.70 -2.05
C ARG A 572 -15.52 9.96 -3.23
N TYR A 573 -14.45 10.76 -3.02
CA TYR A 573 -13.47 11.00 -4.07
C TYR A 573 -12.21 10.14 -3.92
N LEU A 574 -11.72 9.95 -2.69
CA LEU A 574 -10.50 9.19 -2.43
C LEU A 574 -10.83 8.20 -1.32
N SER A 575 -11.31 7.02 -1.68
CA SER A 575 -11.83 6.10 -0.68
C SER A 575 -10.73 5.49 0.19
N SER A 576 -9.46 5.51 -0.23
CA SER A 576 -8.47 4.84 0.59
C SER A 576 -7.19 5.64 0.74
N TRP A 577 -7.21 6.95 0.53
CA TRP A 577 -5.97 7.72 0.50
C TRP A 577 -5.73 8.32 1.88
N THR A 578 -4.72 7.80 2.58
CA THR A 578 -4.35 8.25 3.91
C THR A 578 -2.85 8.54 3.95
N PRO A 579 -2.39 9.57 3.22
CA PRO A 579 -0.95 9.85 3.18
C PRO A 579 -0.36 10.27 4.52
N VAL A 580 -1.17 10.83 5.42
CA VAL A 580 -0.68 11.21 6.74
C VAL A 580 -0.08 10.00 7.47
N VAL A 581 -0.69 8.82 7.28
CA VAL A 581 -0.17 7.61 7.92
C VAL A 581 1.23 7.29 7.40
N ASN A 582 1.43 7.37 6.08
CA ASN A 582 2.77 7.21 5.53
C ASN A 582 3.75 8.19 6.15
N MET A 583 3.34 9.45 6.25
CA MET A 583 4.24 10.51 6.71
C MET A 583 4.71 10.26 8.14
N ILE A 584 3.79 9.91 9.05
CA ILE A 584 4.23 9.74 10.43
C ILE A 584 4.98 8.43 10.60
N GLU A 585 4.88 7.52 9.64
CA GLU A 585 5.67 6.30 9.71
C GLU A 585 6.98 6.40 8.95
N GLY A 586 7.30 7.56 8.39
CA GLY A 586 8.53 7.73 7.64
C GLY A 586 8.52 7.09 6.28
N ARG A 587 7.38 6.61 5.82
CA ARG A 587 7.30 5.96 4.53
C ARG A 587 6.94 6.98 3.47
N GLU A 588 7.50 6.80 2.29
CA GLU A 588 7.12 7.57 1.13
C GLU A 588 5.66 7.30 0.78
N TYR A 589 5.05 8.28 0.14
CA TYR A 589 3.68 8.14 -0.32
C TYR A 589 3.59 8.78 -1.71
N THR A 590 2.58 8.37 -2.47
CA THR A 590 2.39 8.92 -3.80
C THR A 590 0.91 9.22 -3.98
N ASN A 591 0.53 9.62 -5.21
CA ASN A 591 -0.86 9.95 -5.49
C ASN A 591 -1.73 8.71 -5.41
N PRO A 592 -3.04 8.88 -5.24
CA PRO A 592 -3.95 7.74 -5.35
C PRO A 592 -4.10 7.36 -6.82
N GLN A 593 -4.53 6.11 -7.05
CA GLN A 593 -4.63 5.62 -8.42
C GLN A 593 -5.76 6.28 -9.20
N LYS A 594 -6.75 6.84 -8.50
CA LYS A 594 -7.85 7.50 -9.19
C LYS A 594 -8.64 8.36 -8.22
N ILE A 595 -9.38 9.31 -8.79
CA ILE A 595 -10.43 10.04 -8.08
C ILE A 595 -11.75 9.47 -8.55
N GLU A 596 -12.55 8.96 -7.62
CA GLU A 596 -13.73 8.17 -7.96
C GLU A 596 -14.91 9.01 -8.43
N CYS A 597 -14.72 10.30 -8.65
CA CYS A 597 -15.76 11.17 -9.18
C CYS A 597 -15.21 11.97 -10.35
N LEU A 598 -16.13 12.57 -11.08
CA LEU A 598 -15.77 13.58 -12.05
C LEU A 598 -16.22 14.97 -11.63
N VAL A 599 -17.19 15.04 -10.72
CA VAL A 599 -17.87 16.28 -10.38
C VAL A 599 -17.72 16.50 -8.88
N ILE A 600 -17.31 17.70 -8.50
CA ILE A 600 -17.27 18.05 -7.09
C ILE A 600 -18.68 18.43 -6.66
N LEU A 601 -19.26 17.63 -5.77
CA LEU A 601 -20.59 17.88 -5.24
C LEU A 601 -20.58 19.00 -4.22
N ASP A 602 -21.75 19.60 -4.03
CA ASP A 602 -21.92 20.65 -3.04
C ASP A 602 -21.66 20.12 -1.62
N LEU A 603 -21.46 21.04 -0.68
CA LEU A 603 -21.06 20.64 0.66
C LEU A 603 -22.22 20.11 1.50
N PHE A 604 -23.46 20.47 1.16
CA PHE A 604 -24.63 19.87 1.76
C PHE A 604 -24.60 18.35 1.70
N SER A 605 -23.84 17.80 0.76
CA SER A 605 -23.79 16.37 0.55
C SER A 605 -22.81 15.67 1.45
N GLU A 606 -21.97 16.39 2.17
CA GLU A 606 -20.94 15.80 3.02
C GLU A 606 -21.39 15.88 4.47
N GLU A 607 -20.81 15.00 5.28
CA GLU A 607 -21.07 14.99 6.72
C GLU A 607 -19.90 15.65 7.43
N PHE A 608 -20.17 16.74 8.12
CA PHE A 608 -19.11 17.45 8.82
C PHE A 608 -19.02 16.97 10.25
N ILE A 609 -17.79 16.69 10.68
CA ILE A 609 -17.46 16.00 11.91
C ILE A 609 -16.62 16.93 12.77
N GLU A 610 -16.95 16.97 14.06
CA GLU A 610 -16.18 17.71 15.04
C GLU A 610 -14.74 17.20 15.08
N TYR A 611 -13.81 18.16 15.14
CA TYR A 611 -12.40 17.84 15.32
C TYR A 611 -12.20 16.78 16.41
N GLN A 612 -12.88 16.94 17.56
CA GLN A 612 -12.64 16.05 18.70
C GLN A 612 -13.00 14.59 18.39
N ASN A 613 -13.88 14.35 17.44
CA ASN A 613 -14.23 13.00 17.02
C ASN A 613 -13.56 12.57 15.71
N LEU A 614 -12.71 13.42 15.13
CA LEU A 614 -12.19 13.20 13.78
C LEU A 614 -11.20 12.04 13.71
N GLY A 615 -10.26 11.97 14.66
CA GLY A 615 -9.31 10.86 14.65
C GLY A 615 -10.00 9.52 14.54
N ASN A 616 -11.06 9.33 15.33
CA ASN A 616 -11.79 8.07 15.31
C ASN A 616 -12.58 7.89 14.01
N ALA A 617 -13.18 8.96 13.47
CA ALA A 617 -13.97 8.77 12.27
C ALA A 617 -13.08 8.43 11.07
N VAL A 618 -11.92 9.09 10.98
CA VAL A 618 -11.00 8.84 9.86
C VAL A 618 -10.45 7.43 9.92
N SER A 619 -9.97 7.02 11.09
CA SER A 619 -9.43 5.68 11.26
C SER A 619 -10.47 4.60 10.99
N ASN A 620 -11.74 4.84 11.36
CA ASN A 620 -12.75 3.85 11.00
C ASN A 620 -13.11 3.91 9.52
N LYS A 621 -13.22 5.11 8.94
CA LYS A 621 -13.61 5.22 7.54
C LYS A 621 -12.58 4.59 6.61
N TYR A 622 -11.29 4.68 6.96
CA TYR A 622 -10.23 4.10 6.14
C TYR A 622 -9.70 2.79 6.71
N GLU A 623 -10.31 2.27 7.76
CA GLU A 623 -9.92 1.00 8.33
C GLU A 623 -8.41 0.94 8.55
N LEU A 624 -7.89 1.92 9.27
CA LEU A 624 -6.48 2.00 9.58
C LEU A 624 -6.11 0.93 10.60
N GLU A 625 -4.85 0.53 10.58
CA GLU A 625 -4.35 -0.46 11.53
C GLU A 625 -4.48 0.05 12.97
N TYR A 626 -4.18 1.32 13.21
CA TYR A 626 -4.32 1.93 14.53
C TYR A 626 -4.97 3.30 14.38
N THR A 627 -5.52 3.81 15.48
CA THR A 627 -6.25 5.07 15.46
C THR A 627 -5.27 6.24 15.54
N ILE A 628 -5.39 7.18 14.60
CA ILE A 628 -4.52 8.36 14.60
C ILE A 628 -5.23 9.47 15.37
N SER A 629 -4.49 10.53 15.72
CA SER A 629 -5.06 11.56 16.58
C SER A 629 -6.00 12.44 15.76
N ASN A 630 -6.72 13.33 16.47
CA ASN A 630 -7.57 14.30 15.79
C ASN A 630 -6.74 15.23 14.91
N TYR A 631 -5.59 15.66 15.41
CA TYR A 631 -4.63 16.47 14.65
C TYR A 631 -4.23 15.80 13.34
N GLN A 632 -3.73 14.57 13.43
CA GLN A 632 -3.29 13.89 12.21
C GLN A 632 -4.46 13.60 11.28
N ALA A 633 -5.64 13.29 11.83
CA ALA A 633 -6.81 13.09 10.98
C ALA A 633 -7.25 14.38 10.28
N ALA A 634 -7.17 15.52 10.98
CA ALA A 634 -7.46 16.81 10.35
C ALA A 634 -6.52 17.07 9.19
N ILE A 635 -5.24 16.75 9.35
CA ILE A 635 -4.29 17.00 8.27
C ILE A 635 -4.61 16.12 7.08
N ASN A 636 -5.03 14.88 7.32
CA ASN A 636 -5.35 14.00 6.21
C ASN A 636 -6.55 14.51 5.43
N CYS A 637 -7.58 14.99 6.13
CA CYS A 637 -8.75 15.53 5.46
C CYS A 637 -8.38 16.74 4.60
N LEU A 638 -7.48 17.60 5.09
CA LEU A 638 -7.04 18.76 4.31
C LEU A 638 -6.22 18.33 3.11
N MET A 639 -5.20 17.49 3.33
CA MET A 639 -4.44 16.95 2.22
C MET A 639 -5.36 16.33 1.16
N SER A 640 -6.37 15.58 1.58
CA SER A 640 -7.29 14.96 0.61
C SER A 640 -8.09 16.01 -0.16
N THR A 641 -8.66 16.98 0.56
CA THR A 641 -9.52 17.96 -0.10
C THR A 641 -8.71 18.86 -1.02
N LEU A 642 -7.50 19.22 -0.62
CA LEU A 642 -6.65 20.03 -1.49
C LEU A 642 -6.32 19.30 -2.79
N LEU A 643 -5.98 18.01 -2.70
CA LEU A 643 -5.66 17.27 -3.93
C LEU A 643 -6.87 17.18 -4.84
N ILE A 644 -8.05 16.94 -4.27
CA ILE A 644 -9.27 16.82 -5.06
C ILE A 644 -9.61 18.15 -5.73
N TYR A 645 -9.61 19.24 -4.95
CA TYR A 645 -10.00 20.53 -5.51
C TYR A 645 -8.99 21.02 -6.53
N LEU A 646 -7.71 20.67 -6.39
CA LEU A 646 -6.73 21.06 -7.41
C LEU A 646 -6.91 20.24 -8.68
N VAL A 647 -7.06 18.92 -8.56
CA VAL A 647 -7.17 18.09 -9.77
C VAL A 647 -8.56 18.23 -10.40
N LEU A 648 -9.61 17.86 -9.66
CA LEU A 648 -10.95 18.02 -10.21
C LEU A 648 -11.24 19.47 -10.56
N GLY A 649 -10.81 20.42 -9.73
CA GLY A 649 -11.08 21.81 -10.04
C GLY A 649 -10.45 22.27 -11.34
N SER A 650 -9.19 21.91 -11.56
CA SER A 650 -8.52 22.17 -12.84
C SER A 650 -9.36 21.69 -14.01
N ILE A 651 -9.81 20.44 -13.93
CA ILE A 651 -10.55 19.83 -15.03
C ILE A 651 -11.75 20.70 -15.42
N ARG A 652 -12.47 21.21 -14.44
CA ARG A 652 -13.68 21.98 -14.72
C ARG A 652 -13.41 23.47 -14.90
N SER A 653 -12.15 23.90 -14.82
CA SER A 653 -11.82 25.31 -14.86
C SER A 653 -11.71 25.82 -16.29
N ILE A 654 -12.08 27.08 -16.49
CA ILE A 654 -11.94 27.75 -17.77
C ILE A 654 -10.83 28.80 -17.76
N SER A 655 -10.36 29.24 -16.60
CA SER A 655 -9.28 30.22 -16.52
C SER A 655 -7.92 29.51 -16.61
N ARG A 656 -6.89 30.30 -16.91
CA ARG A 656 -5.52 29.78 -17.00
C ARG A 656 -5.15 29.02 -15.72
N THR A 657 -4.61 27.81 -15.88
CA THR A 657 -4.35 26.92 -14.75
C THR A 657 -3.44 27.56 -13.69
N GLU A 658 -2.56 28.46 -14.11
CA GLU A 658 -1.68 29.13 -13.16
C GLU A 658 -2.47 30.06 -12.25
N ASN A 659 -3.47 30.75 -12.80
CA ASN A 659 -4.29 31.65 -12.03
C ASN A 659 -5.30 30.88 -11.19
N PHE A 660 -5.73 29.72 -11.68
CA PHE A 660 -6.64 28.88 -10.89
C PHE A 660 -5.95 28.34 -9.64
N VAL A 661 -4.78 27.72 -9.80
CA VAL A 661 -4.09 27.15 -8.64
C VAL A 661 -3.80 28.23 -7.61
N LEU A 662 -3.36 29.41 -8.08
CA LEU A 662 -2.93 30.46 -7.18
C LEU A 662 -4.09 31.08 -6.44
N SER A 663 -5.23 31.23 -7.10
CA SER A 663 -6.40 31.88 -6.52
C SER A 663 -7.21 30.95 -5.64
N ILE A 664 -7.32 29.67 -6.00
CA ILE A 664 -8.08 28.78 -5.13
C ILE A 664 -7.28 28.46 -3.87
N LEU A 665 -5.94 28.37 -3.97
CA LEU A 665 -5.16 28.15 -2.75
C LEU A 665 -5.12 29.40 -1.88
N ASN A 666 -5.11 30.60 -2.49
CA ASN A 666 -5.28 31.81 -1.69
C ASN A 666 -6.69 31.89 -1.11
N ILE A 667 -7.69 31.41 -1.83
CA ILE A 667 -9.04 31.31 -1.28
C ILE A 667 -9.03 30.45 -0.03
N PHE A 668 -8.31 29.34 -0.06
CA PHE A 668 -8.18 28.47 1.11
C PHE A 668 -7.59 29.24 2.30
N TYR A 669 -6.51 30.00 2.07
CA TYR A 669 -5.93 30.81 3.15
C TYR A 669 -6.96 31.76 3.75
N LYS A 670 -7.75 32.43 2.90
CA LYS A 670 -8.71 33.41 3.37
C LYS A 670 -9.76 32.77 4.26
N GLY A 671 -10.19 31.55 3.92
CA GLY A 671 -11.12 30.83 4.77
C GLY A 671 -10.53 30.49 6.12
N LEU A 672 -9.22 30.22 6.16
CA LEU A 672 -8.51 30.08 7.41
C LEU A 672 -8.28 31.39 8.13
N LYS A 673 -8.58 32.53 7.51
CA LYS A 673 -8.31 33.86 8.06
C LYS A 673 -6.80 34.12 8.19
N ILE A 674 -5.99 33.44 7.38
CA ILE A 674 -4.57 33.74 7.30
C ILE A 674 -4.42 35.02 6.47
N ASN A 675 -3.82 36.05 7.08
CA ASN A 675 -3.79 37.39 6.51
C ASN A 675 -2.70 37.55 5.45
N GLU A 676 -1.63 36.76 5.52
CA GLU A 676 -0.59 36.72 4.49
C GLU A 676 -1.09 36.00 3.23
N LEU A 677 -0.62 36.44 2.08
CA LEU A 677 -0.99 35.80 0.83
C LEU A 677 -0.11 34.60 0.53
N LEU A 678 -0.70 33.60 -0.11
CA LEU A 678 0.05 32.49 -0.65
C LEU A 678 0.77 32.97 -1.90
N SER A 679 2.07 32.72 -1.97
CA SER A 679 2.87 33.13 -3.12
C SER A 679 3.90 32.03 -3.33
N GLU A 680 3.52 31.01 -4.11
CA GLU A 680 4.40 29.89 -4.41
C GLU A 680 4.49 29.71 -5.92
N PRO A 681 5.62 29.21 -6.42
CA PRO A 681 5.74 28.96 -7.85
C PRO A 681 4.92 27.73 -8.25
N VAL A 682 4.03 27.93 -9.21
CA VAL A 682 3.07 26.92 -9.62
C VAL A 682 3.31 26.40 -11.03
N SER A 683 4.35 26.89 -11.71
CA SER A 683 4.56 26.50 -13.11
C SER A 683 4.70 24.99 -13.26
N GLY A 684 5.55 24.37 -12.43
CA GLY A 684 5.72 22.92 -12.51
C GLY A 684 4.48 22.14 -12.14
N VAL A 685 3.70 22.66 -11.20
CA VAL A 685 2.43 22.04 -10.82
C VAL A 685 1.47 22.04 -12.00
N CYS A 686 1.37 23.16 -12.71
CA CYS A 686 0.36 23.30 -13.75
C CYS A 686 0.60 22.34 -14.89
N ILE A 687 1.86 22.00 -15.16
CA ILE A 687 2.14 21.05 -16.24
C ILE A 687 1.61 19.67 -15.86
N GLU A 688 1.83 19.25 -14.61
CA GLU A 688 1.22 18.01 -14.11
C GLU A 688 -0.30 18.06 -14.24
N LEU A 689 -0.92 19.16 -13.83
CA LEU A 689 -2.38 19.24 -13.84
C LEU A 689 -2.93 19.21 -15.27
N ASN A 690 -2.29 19.95 -16.18
CA ASN A 690 -2.80 20.06 -17.54
C ASN A 690 -2.72 18.74 -18.29
N LYS A 691 -1.73 17.90 -17.97
CA LYS A 691 -1.69 16.55 -18.54
C LYS A 691 -2.94 15.76 -18.19
N ILE A 692 -3.27 15.71 -16.89
CA ILE A 692 -4.47 15.01 -16.40
C ILE A 692 -5.72 15.61 -17.04
N LYS A 693 -5.76 16.94 -17.16
CA LYS A 693 -6.89 17.60 -17.80
C LYS A 693 -7.12 17.10 -19.22
N ASP A 694 -6.03 16.78 -19.94
CA ASP A 694 -6.15 16.38 -21.34
C ASP A 694 -6.60 14.94 -21.50
N ARG A 695 -6.20 14.06 -20.59
CA ARG A 695 -6.74 12.70 -20.61
C ARG A 695 -8.23 12.66 -20.28
N ALA A 696 -8.70 13.57 -19.41
CA ALA A 696 -10.09 13.49 -18.95
C ALA A 696 -11.08 13.67 -20.09
N SER A 697 -10.67 14.38 -21.15
CA SER A 697 -11.52 14.49 -22.33
C SER A 697 -11.45 13.23 -23.18
N SER A 698 -10.24 12.66 -23.32
CA SER A 698 -10.04 11.48 -24.14
C SER A 698 -10.53 10.21 -23.46
N GLY A 699 -10.36 10.10 -22.15
CA GLY A 699 -10.79 8.94 -21.40
C GLY A 699 -12.27 8.66 -21.56
N ASP A 700 -13.12 9.52 -21.00
CA ASP A 700 -14.56 9.34 -20.98
C ASP A 700 -14.95 8.12 -20.15
N SER A 701 -14.73 8.24 -18.84
CA SER A 701 -14.98 7.18 -17.88
C SER A 701 -15.73 7.78 -16.71
N SER A 702 -15.98 6.97 -15.67
CA SER A 702 -16.64 7.43 -14.46
C SER A 702 -15.66 7.86 -13.36
N PHE A 703 -14.36 7.70 -13.61
CA PHE A 703 -13.33 8.09 -12.67
C PHE A 703 -12.20 8.78 -13.43
N ILE A 704 -11.37 9.49 -12.68
CA ILE A 704 -10.20 10.18 -13.22
C ILE A 704 -9.00 9.31 -12.85
N PHE A 705 -8.34 8.74 -13.84
CA PHE A 705 -7.20 7.87 -13.61
C PHE A 705 -5.92 8.69 -13.53
N LEU A 706 -5.15 8.48 -12.48
CA LEU A 706 -3.91 9.19 -12.24
C LEU A 706 -2.74 8.22 -12.35
N LYS A 707 -1.72 8.58 -13.13
CA LYS A 707 -0.54 7.75 -13.29
C LYS A 707 0.38 7.85 -12.07
N LYS A 708 1.21 6.83 -11.88
CA LYS A 708 1.99 6.78 -10.66
C LYS A 708 3.08 7.85 -10.69
N ASN A 709 3.19 8.59 -9.58
CA ASN A 709 4.20 9.64 -9.38
C ASN A 709 4.06 10.75 -10.42
N GLU A 710 2.84 10.96 -10.90
CA GLU A 710 2.52 12.04 -11.82
C GLU A 710 2.31 13.38 -11.12
N LEU A 711 2.01 13.39 -9.82
CA LEU A 711 1.58 14.61 -9.15
C LEU A 711 2.56 15.03 -8.05
N SER A 712 3.85 14.75 -8.21
CA SER A 712 4.78 14.96 -7.11
C SER A 712 4.88 16.43 -6.72
N LYS A 713 4.86 17.32 -7.71
CA LYS A 713 4.95 18.75 -7.39
C LYS A 713 3.65 19.26 -6.81
N THR A 714 2.51 18.75 -7.29
CA THR A 714 1.23 19.14 -6.71
C THR A 714 1.12 18.66 -5.28
N LEU A 715 1.69 17.50 -4.98
CA LEU A 715 1.64 17.01 -3.61
C LEU A 715 2.56 17.82 -2.71
N SER A 716 3.73 18.23 -3.19
CA SER A 716 4.58 19.09 -2.35
C SER A 716 3.91 20.43 -2.05
N LEU A 717 3.04 20.90 -2.95
CA LEU A 717 2.30 22.13 -2.71
C LEU A 717 1.16 21.93 -1.72
N CYS A 718 0.38 20.85 -1.86
CA CYS A 718 -0.56 20.47 -0.80
C CYS A 718 0.13 20.38 0.54
N GLU A 719 1.33 19.77 0.59
CA GLU A 719 2.06 19.71 1.85
C GLU A 719 2.35 21.10 2.37
N LYS A 720 2.84 21.98 1.50
CA LYS A 720 3.26 23.32 1.94
C LYS A 720 2.08 24.10 2.49
N VAL A 721 0.90 23.92 1.91
CA VAL A 721 -0.30 24.61 2.39
C VAL A 721 -0.67 24.08 3.78
N CYS A 722 -0.57 22.76 3.98
CA CYS A 722 -0.85 22.21 5.31
C CYS A 722 0.17 22.70 6.35
N VAL A 723 1.46 22.74 5.97
CA VAL A 723 2.49 23.28 6.86
C VAL A 723 2.14 24.71 7.28
N GLU A 724 1.80 25.58 6.32
CA GLU A 724 1.42 26.94 6.69
C GLU A 724 0.15 26.97 7.52
N THR A 725 -0.77 26.04 7.25
CA THR A 725 -1.95 25.95 8.10
C THR A 725 -1.55 25.64 9.53
N ILE A 726 -0.61 24.73 9.74
CA ILE A 726 -0.25 24.34 11.10
C ILE A 726 0.50 25.47 11.80
N LEU A 727 1.51 26.04 11.13
CA LEU A 727 2.32 27.10 11.74
C LEU A 727 1.47 28.32 12.13
N ASP A 728 0.53 28.72 11.28
CA ASP A 728 -0.30 29.85 11.62
C ASP A 728 -1.24 29.53 12.78
N ASN A 729 -1.78 28.31 12.80
CA ASN A 729 -2.58 27.88 13.94
C ASN A 729 -1.78 27.93 15.23
N ASN A 730 -0.49 27.54 15.19
CA ASN A 730 0.36 27.51 16.38
C ASN A 730 0.81 28.89 16.84
N GLN A 731 0.66 29.91 16.02
CA GLN A 731 0.96 31.27 16.48
C GLN A 731 -0.22 31.87 17.24
N SER A 732 -1.45 31.56 16.82
CA SER A 732 -2.64 32.14 17.41
C SER A 732 -2.78 31.80 18.91
C1 GOL B . 0.34 -19.53 9.34
O1 GOL B . 0.19 -20.07 8.08
C2 GOL B . 1.55 -20.22 10.00
O2 GOL B . 1.35 -21.57 10.16
C3 GOL B . 1.70 -19.53 11.35
O3 GOL B . 2.90 -19.96 11.90
C1 GOL C . -21.95 34.99 -2.19
O1 GOL C . -22.28 33.65 -2.21
C2 GOL C . -23.12 35.64 -1.49
O2 GOL C . -23.25 35.15 -0.20
C3 GOL C . -22.83 37.15 -1.53
O3 GOL C . -24.00 37.79 -1.10
C1 GOL D . 12.25 5.71 23.00
O1 GOL D . 13.59 5.88 23.52
C2 GOL D . 11.56 7.13 22.76
O2 GOL D . 11.42 7.83 23.92
C3 GOL D . 10.16 6.81 22.07
O3 GOL D . 9.59 7.99 21.54
C1 GOL E . -10.41 1.04 15.20
O1 GOL E . -10.09 -0.01 16.07
C2 GOL E . -9.55 0.84 13.93
O2 GOL E . -10.17 1.37 12.81
C3 GOL E . -8.18 1.51 14.23
O3 GOL E . -7.79 1.10 15.51
C1 GOL F . -36.16 11.69 5.18
O1 GOL F . -35.99 12.57 4.10
C2 GOL F . -34.79 10.97 5.38
O2 GOL F . -33.71 11.89 5.42
C3 GOL F . -34.71 9.93 4.18
O3 GOL F . -35.59 8.88 4.55
#